data_3TVX
#
_entry.id   3TVX
#
_cell.length_a   104.938
_cell.length_b   104.938
_cell.length_c   163.652
_cell.angle_alpha   90.00
_cell.angle_beta   90.00
_cell.angle_gamma   90.00
#
_symmetry.space_group_name_H-M   'P 41 21 2'
#
loop_
_entity.id
_entity.type
_entity.pdbx_description
1 polymer "cAMP-specific 3',5'-cyclic phosphodiesterase 4A"
2 non-polymer 'ZINC ION'
3 non-polymer 'MAGNESIUM ION'
4 non-polymer 3,7-DIMETHYL-1-(5-OXOHEXYL)-3,7-DIHYDRO-1H-PURINE-2,6-DIONE
5 non-polymer 'SULFATE ION'
#
_entity_poly.entity_id   1
_entity_poly.type   'polypeptide(L)'
_entity_poly.pdbx_seq_one_letter_code
;GAGTMNIPRFGVKTDQEELLAQELENLNKWGLNIFCVSDYAGGRSLTCIMYMIFQERDLLKKFRIPVDTMVTYMLTLEDH
YHADVAYHNSLHAADVLQSTHVLLATPALDAVFTDLEILAALFAAAIHDVDHPGVSNQFLINTNSELALMYNDESVLENH
HLAVGFKLLQEDNCDIFQNLSKRQRQSLRKMVIDMVLATDMSKHMTLLADLKTMVETKKVTSSGVLLLDNYSDRIQVLRN
MVHCADLSNPTKPLELYRQWTDRIMAEFFQQGDRERERGMEISPMCDKHTASVEKSQVGFIDYIVHPLWETWADLVHPDA
QEILDTLEDNRDWYYSAI
;
_entity_poly.pdbx_strand_id   A,B
#
loop_
_chem_comp.id
_chem_comp.type
_chem_comp.name
_chem_comp.formula
MG non-polymer 'MAGNESIUM ION' 'Mg 2'
PNX non-polymer 3,7-DIMETHYL-1-(5-OXOHEXYL)-3,7-DIHYDRO-1H-PURINE-2,6-DIONE 'C13 H18 N4 O3'
SO4 non-polymer 'SULFATE ION' 'O4 S -2'
ZN non-polymer 'ZINC ION' 'Zn 2'
#
# COMPACT_ATOMS: atom_id res chain seq x y z
N MET A 5 25.55 5.62 -2.49
CA MET A 5 25.54 4.83 -3.76
C MET A 5 26.48 5.43 -4.82
N ASN A 6 26.72 4.68 -5.89
CA ASN A 6 27.65 5.06 -6.97
C ASN A 6 27.01 5.88 -8.10
N ILE A 7 25.67 5.86 -8.16
CA ILE A 7 24.83 6.54 -9.17
C ILE A 7 24.96 5.98 -10.59
N PRO A 8 23.95 5.18 -11.03
CA PRO A 8 23.94 4.62 -12.39
C PRO A 8 23.67 5.71 -13.43
N ARG A 9 24.13 5.47 -14.66
CA ARG A 9 24.10 6.44 -15.76
C ARG A 9 22.77 7.17 -15.92
N PHE A 10 21.67 6.43 -15.95
CA PHE A 10 20.34 7.05 -16.08
C PHE A 10 19.57 7.06 -14.75
N GLY A 11 20.31 7.07 -13.63
CA GLY A 11 19.73 7.17 -12.31
C GLY A 11 19.35 5.85 -11.64
N VAL A 12 18.97 4.86 -12.45
CA VAL A 12 18.49 3.57 -11.96
C VAL A 12 19.33 2.40 -12.50
N LYS A 13 19.32 1.28 -11.76
CA LYS A 13 20.01 0.08 -12.19
C LYS A 13 19.17 -0.66 -13.23
N THR A 14 19.77 -0.89 -14.41
CA THR A 14 19.07 -1.53 -15.52
C THR A 14 19.96 -2.55 -16.25
N ASP A 15 19.35 -3.63 -16.75
CA ASP A 15 20.07 -4.59 -17.59
C ASP A 15 19.98 -4.21 -19.07
N GLN A 16 19.09 -3.27 -19.39
CA GLN A 16 18.88 -2.85 -20.76
C GLN A 16 19.20 -1.37 -20.93
N GLU A 17 20.46 -1.03 -20.69
CA GLU A 17 20.92 0.35 -20.70
C GLU A 17 20.71 1.05 -22.06
N GLU A 18 21.04 0.36 -23.16
CA GLU A 18 20.96 0.96 -24.49
C GLU A 18 19.52 1.12 -24.97
N LEU A 19 18.69 0.10 -24.80
CA LEU A 19 17.26 0.19 -25.11
C LEU A 19 16.60 1.35 -24.34
N LEU A 20 17.16 1.65 -23.18
CA LEU A 20 16.70 2.77 -22.36
C LEU A 20 17.26 4.10 -22.87
N ALA A 21 18.53 4.11 -23.24
CA ALA A 21 19.16 5.28 -23.86
C ALA A 21 18.41 5.68 -25.13
N GLN A 22 17.85 4.68 -25.80
CA GLN A 22 17.08 4.88 -27.01
C GLN A 22 15.84 5.72 -26.71
N GLU A 23 14.99 5.23 -25.81
CA GLU A 23 13.77 5.93 -25.40
C GLU A 23 13.98 7.33 -24.83
N LEU A 24 15.04 7.51 -24.04
CA LEU A 24 15.33 8.79 -23.38
C LEU A 24 15.77 9.89 -24.35
N GLU A 25 15.90 9.54 -25.62
CA GLU A 25 16.14 10.53 -26.66
C GLU A 25 14.85 11.32 -26.90
N ASN A 26 13.73 10.77 -26.42
CA ASN A 26 12.44 11.45 -26.45
C ASN A 26 12.11 12.20 -25.16
N LEU A 27 13.07 12.30 -24.25
CA LEU A 27 12.89 12.96 -22.94
C LEU A 27 12.12 14.28 -23.01
N ASN A 28 12.42 15.09 -24.04
CA ASN A 28 11.82 16.40 -24.20
C ASN A 28 10.66 16.40 -25.19
N LYS A 29 10.07 15.24 -25.39
CA LYS A 29 9.01 15.09 -26.39
C LYS A 29 7.72 14.50 -25.84
N TRP A 30 6.60 14.96 -26.41
CA TRP A 30 5.28 14.44 -26.07
C TRP A 30 5.19 12.97 -26.45
N GLY A 31 6.03 12.54 -27.39
CA GLY A 31 5.97 11.21 -27.96
C GLY A 31 6.75 10.14 -27.20
N LEU A 32 7.39 10.58 -26.11
CA LEU A 32 8.06 9.67 -25.18
C LEU A 32 7.11 8.57 -24.73
N ASN A 33 7.61 7.33 -24.72
CA ASN A 33 6.82 6.20 -24.25
C ASN A 33 7.26 5.76 -22.85
N ILE A 34 6.49 6.18 -21.85
CA ILE A 34 6.82 5.95 -20.44
C ILE A 34 6.69 4.48 -20.04
N PHE A 35 5.81 3.74 -20.73
CA PHE A 35 5.64 2.30 -20.52
C PHE A 35 6.91 1.52 -20.85
N CYS A 36 7.54 1.90 -21.97
CA CYS A 36 8.84 1.38 -22.36
C CYS A 36 9.89 1.75 -21.34
N VAL A 37 9.86 3.00 -20.90
CA VAL A 37 10.79 3.49 -19.88
C VAL A 37 10.69 2.59 -18.64
N SER A 38 9.47 2.35 -18.19
CA SER A 38 9.21 1.49 -17.03
C SER A 38 9.81 0.10 -17.23
N ASP A 39 9.48 -0.52 -18.37
CA ASP A 39 10.03 -1.83 -18.76
C ASP A 39 11.57 -1.86 -18.67
N TYR A 40 12.21 -0.89 -19.33
CA TYR A 40 13.68 -0.87 -19.40
C TYR A 40 14.37 -0.37 -18.13
N ALA A 41 13.62 0.24 -17.22
CA ALA A 41 14.19 0.78 -15.99
C ALA A 41 13.78 -0.01 -14.74
N GLY A 42 13.51 -1.31 -14.94
CA GLY A 42 13.14 -2.21 -13.85
C GLY A 42 11.95 -1.76 -13.02
N GLY A 43 11.00 -1.07 -13.67
CA GLY A 43 9.79 -0.60 -13.00
C GLY A 43 9.96 0.66 -12.16
N ARG A 44 11.05 1.39 -12.37
CA ARG A 44 11.32 2.61 -11.62
C ARG A 44 11.37 3.83 -12.55
N SER A 45 10.26 4.07 -13.24
CA SER A 45 10.18 5.15 -14.21
C SER A 45 10.30 6.52 -13.56
N LEU A 46 9.61 6.71 -12.43
CA LEU A 46 9.60 8.01 -11.76
C LEU A 46 10.99 8.43 -11.31
N THR A 47 11.75 7.50 -10.74
CA THR A 47 13.13 7.77 -10.33
C THR A 47 14.01 8.06 -11.54
N CYS A 48 13.86 7.28 -12.60
CA CYS A 48 14.60 7.47 -13.83
C CYS A 48 14.33 8.84 -14.45
N ILE A 49 13.06 9.07 -14.80
CA ILE A 49 12.68 10.27 -15.53
C ILE A 49 12.99 11.56 -14.75
N MET A 50 12.76 11.55 -13.43
CA MET A 50 13.01 12.74 -12.62
C MET A 50 14.49 13.07 -12.59
N TYR A 51 15.31 12.03 -12.50
CA TYR A 51 16.76 12.19 -12.55
C TYR A 51 17.18 12.82 -13.88
N MET A 52 16.68 12.25 -14.98
CA MET A 52 16.98 12.73 -16.31
C MET A 52 16.60 14.18 -16.48
N ILE A 53 15.35 14.50 -16.19
CA ILE A 53 14.83 15.87 -16.27
C ILE A 53 15.67 16.85 -15.46
N PHE A 54 16.05 16.46 -14.25
CA PHE A 54 16.80 17.33 -13.35
C PHE A 54 18.21 17.59 -13.87
N GLN A 55 18.83 16.58 -14.47
CA GLN A 55 20.11 16.77 -15.16
C GLN A 55 19.90 17.64 -16.41
N GLU A 56 18.90 17.27 -17.22
CA GLU A 56 18.55 18.00 -18.44
C GLU A 56 18.43 19.52 -18.22
N ARG A 57 17.90 19.90 -17.07
CA ARG A 57 17.68 21.31 -16.76
C ARG A 57 18.74 21.86 -15.82
N ASP A 58 19.73 21.02 -15.49
CA ASP A 58 20.86 21.41 -14.64
C ASP A 58 20.41 21.84 -13.22
N LEU A 59 19.28 21.28 -12.77
CA LEU A 59 18.64 21.68 -11.52
C LEU A 59 19.38 21.23 -10.26
N LEU A 60 20.13 20.14 -10.37
CA LEU A 60 20.98 19.66 -9.28
C LEU A 60 22.04 20.70 -8.98
N LYS A 61 22.76 21.14 -10.01
CA LYS A 61 23.81 22.16 -9.87
C LYS A 61 23.24 23.54 -9.53
N LYS A 62 22.16 23.93 -10.19
CA LYS A 62 21.48 25.20 -9.91
C LYS A 62 21.08 25.36 -8.44
N PHE A 63 20.56 24.30 -7.84
CA PHE A 63 20.09 24.39 -6.46
C PHE A 63 20.99 23.68 -5.47
N ARG A 64 22.15 23.24 -5.97
CA ARG A 64 23.17 22.59 -5.14
C ARG A 64 22.58 21.39 -4.41
N ILE A 65 21.95 20.50 -5.18
CA ILE A 65 21.31 19.30 -4.67
C ILE A 65 22.25 18.12 -4.82
N PRO A 66 22.73 17.55 -3.69
CA PRO A 66 23.56 16.36 -3.78
C PRO A 66 22.83 15.29 -4.56
N VAL A 67 23.50 14.69 -5.54
CA VAL A 67 22.92 13.62 -6.38
C VAL A 67 22.44 12.43 -5.56
N ASP A 68 23.24 12.02 -4.57
CA ASP A 68 22.88 10.90 -3.72
C ASP A 68 21.60 11.19 -2.92
N THR A 69 21.47 12.44 -2.48
CA THR A 69 20.24 12.91 -1.84
C THR A 69 19.03 12.90 -2.78
N MET A 70 19.23 13.40 -4.00
CA MET A 70 18.17 13.39 -5.01
C MET A 70 17.68 11.98 -5.30
N VAL A 71 18.62 11.07 -5.53
CA VAL A 71 18.31 9.68 -5.85
C VAL A 71 17.63 8.97 -4.68
N THR A 72 18.04 9.31 -3.45
CA THR A 72 17.44 8.70 -2.27
C THR A 72 16.00 9.18 -2.04
N TYR A 73 15.76 10.46 -2.29
CA TYR A 73 14.40 10.99 -2.20
C TYR A 73 13.49 10.37 -3.26
N MET A 74 13.97 10.31 -4.50
CA MET A 74 13.18 9.82 -5.61
C MET A 74 12.77 8.36 -5.45
N LEU A 75 13.70 7.54 -4.94
CA LEU A 75 13.40 6.14 -4.66
C LEU A 75 12.39 6.04 -3.53
N THR A 76 12.58 6.87 -2.50
CA THR A 76 11.65 6.92 -1.37
C THR A 76 10.25 7.31 -1.85
N LEU A 77 10.18 8.39 -2.62
CA LEU A 77 8.92 8.84 -3.18
C LEU A 77 8.27 7.72 -4.00
N GLU A 78 9.05 7.11 -4.89
CA GLU A 78 8.53 6.05 -5.76
C GLU A 78 7.94 4.89 -4.95
N ASP A 79 8.68 4.48 -3.92
CA ASP A 79 8.25 3.43 -3.00
C ASP A 79 6.91 3.69 -2.30
N HIS A 80 6.54 4.97 -2.14
CA HIS A 80 5.29 5.34 -1.49
C HIS A 80 4.11 5.52 -2.45
N TYR A 81 4.35 5.26 -3.73
CA TYR A 81 3.29 5.00 -4.67
C TYR A 81 2.97 3.52 -4.58
N HIS A 82 1.69 3.18 -4.70
CA HIS A 82 1.25 1.82 -4.46
C HIS A 82 1.38 1.00 -5.74
N ALA A 83 2.16 -0.07 -5.71
CA ALA A 83 2.30 -0.95 -6.88
C ALA A 83 1.01 -1.69 -7.26
N ASP A 84 0.13 -1.95 -6.28
CA ASP A 84 -1.09 -2.74 -6.49
C ASP A 84 -2.24 -1.91 -7.07
N VAL A 85 -2.08 -0.59 -7.06
CA VAL A 85 -3.04 0.32 -7.68
C VAL A 85 -2.80 0.34 -9.19
N ALA A 86 -3.88 0.24 -9.96
CA ALA A 86 -3.78 0.03 -11.42
C ALA A 86 -3.33 1.26 -12.19
N TYR A 87 -3.83 2.43 -11.80
CA TYR A 87 -3.53 3.65 -12.54
C TYR A 87 -2.68 4.62 -11.73
N HIS A 88 -3.10 4.91 -10.51
CA HIS A 88 -2.45 5.94 -9.70
C HIS A 88 -1.21 5.43 -8.97
N ASN A 89 -0.29 4.84 -9.72
CA ASN A 89 0.99 4.39 -9.19
C ASN A 89 2.13 5.26 -9.73
N SER A 90 3.38 4.86 -9.48
CA SER A 90 4.54 5.72 -9.83
C SER A 90 4.70 5.94 -11.33
N LEU A 91 4.07 5.09 -12.14
CA LEU A 91 4.06 5.28 -13.58
C LEU A 91 3.24 6.52 -13.97
N HIS A 92 2.08 6.70 -13.35
CA HIS A 92 1.27 7.90 -13.56
C HIS A 92 2.02 9.18 -13.16
N ALA A 93 2.77 9.10 -12.07
CA ALA A 93 3.58 10.22 -11.58
C ALA A 93 4.69 10.58 -12.54
N ALA A 94 5.40 9.56 -13.03
CA ALA A 94 6.45 9.74 -14.03
C ALA A 94 5.87 10.35 -15.32
N ASP A 95 4.71 9.86 -15.72
CA ASP A 95 4.02 10.41 -16.86
C ASP A 95 3.76 11.91 -16.65
N VAL A 96 3.01 12.24 -15.59
CA VAL A 96 2.61 13.63 -15.33
C VAL A 96 3.80 14.57 -15.20
N LEU A 97 4.86 14.11 -14.52
CA LEU A 97 6.11 14.86 -14.42
C LEU A 97 6.67 15.21 -15.79
N GLN A 98 6.88 14.19 -16.62
CA GLN A 98 7.51 14.34 -17.94
C GLN A 98 6.69 15.22 -18.89
N SER A 99 5.36 15.05 -18.88
CA SER A 99 4.49 15.93 -19.63
C SER A 99 4.68 17.37 -19.20
N THR A 100 4.68 17.59 -17.88
CA THR A 100 4.92 18.91 -17.29
C THR A 100 6.26 19.50 -17.78
N HIS A 101 7.29 18.67 -17.80
CA HIS A 101 8.61 19.02 -18.32
C HIS A 101 8.55 19.51 -19.78
N VAL A 102 7.68 18.89 -20.57
CA VAL A 102 7.49 19.28 -21.97
C VAL A 102 6.71 20.60 -22.04
N LEU A 103 5.61 20.65 -21.31
CA LEU A 103 4.76 21.86 -21.27
C LEU A 103 5.51 23.09 -20.75
N LEU A 104 6.56 22.88 -19.95
CA LEU A 104 7.38 23.99 -19.49
C LEU A 104 8.27 24.52 -20.60
N ALA A 105 8.76 23.62 -21.45
CA ALA A 105 9.69 23.98 -22.51
C ALA A 105 8.99 24.53 -23.75
N THR A 106 7.66 24.56 -23.71
CA THR A 106 6.89 25.08 -24.83
C THR A 106 7.32 26.52 -25.16
N PRO A 107 7.65 26.78 -26.45
CA PRO A 107 8.20 28.05 -26.95
C PRO A 107 7.48 29.32 -26.50
N ALA A 108 6.15 29.29 -26.41
CA ALA A 108 5.35 30.46 -26.01
C ALA A 108 5.55 30.87 -24.54
N LEU A 109 6.28 30.05 -23.79
CA LEU A 109 6.51 30.31 -22.37
C LEU A 109 7.99 30.47 -22.07
N ASP A 110 8.76 30.70 -23.14
CA ASP A 110 10.21 30.81 -23.05
C ASP A 110 10.66 31.96 -22.17
N ALA A 111 11.60 31.67 -21.27
CA ALA A 111 12.13 32.63 -20.30
C ALA A 111 11.08 33.36 -19.44
N VAL A 112 9.93 32.71 -19.21
CA VAL A 112 8.87 33.29 -18.39
C VAL A 112 9.01 32.91 -16.91
N PHE A 113 9.13 31.61 -16.63
CA PHE A 113 9.20 31.12 -15.25
C PHE A 113 10.62 31.15 -14.69
N THR A 114 10.74 31.47 -13.40
CA THR A 114 12.02 31.40 -12.70
C THR A 114 12.43 29.95 -12.54
N ASP A 115 13.70 29.74 -12.19
CA ASP A 115 14.19 28.40 -11.92
C ASP A 115 13.46 27.77 -10.73
N LEU A 116 13.13 28.58 -9.74
CA LEU A 116 12.39 28.10 -8.57
C LEU A 116 11.00 27.61 -8.98
N GLU A 117 10.32 28.40 -9.80
CA GLU A 117 8.99 28.06 -10.31
C GLU A 117 9.03 26.80 -11.15
N ILE A 118 10.14 26.59 -11.86
CA ILE A 118 10.33 25.37 -12.65
C ILE A 118 10.48 24.22 -11.67
N LEU A 119 11.37 24.39 -10.70
CA LEU A 119 11.65 23.37 -9.69
C LEU A 119 10.39 22.94 -8.96
N ALA A 120 9.58 23.92 -8.58
CA ALA A 120 8.31 23.68 -7.90
C ALA A 120 7.35 22.84 -8.76
N ALA A 121 7.16 23.25 -10.01
CA ALA A 121 6.25 22.56 -10.91
C ALA A 121 6.62 21.09 -11.07
N LEU A 122 7.91 20.82 -11.25
CA LEU A 122 8.39 19.46 -11.45
C LEU A 122 8.27 18.64 -10.15
N PHE A 123 8.46 19.29 -9.02
CA PHE A 123 8.32 18.65 -7.73
C PHE A 123 6.84 18.36 -7.44
N ALA A 124 5.99 19.34 -7.69
CA ALA A 124 4.54 19.15 -7.59
C ALA A 124 4.08 17.99 -8.45
N ALA A 125 4.47 17.98 -9.72
CA ALA A 125 4.06 16.91 -10.64
C ALA A 125 4.43 15.53 -10.08
N ALA A 126 5.66 15.41 -9.60
CA ALA A 126 6.18 14.15 -9.09
C ALA A 126 5.44 13.63 -7.85
N ILE A 127 4.95 14.54 -7.01
CA ILE A 127 4.36 14.15 -5.73
C ILE A 127 2.82 14.11 -5.72
N HIS A 128 2.22 14.59 -6.80
CA HIS A 128 0.79 14.94 -6.81
C HIS A 128 -0.17 13.79 -6.53
N ASP A 129 0.33 12.56 -6.50
CA ASP A 129 -0.56 11.41 -6.25
C ASP A 129 0.07 10.37 -5.35
N VAL A 130 1.06 10.78 -4.55
CA VAL A 130 1.82 9.83 -3.76
C VAL A 130 0.91 9.27 -2.66
N ASP A 131 1.04 7.96 -2.43
CA ASP A 131 0.28 7.24 -1.39
C ASP A 131 -1.24 7.26 -1.65
N HIS A 132 -1.60 7.37 -2.93
CA HIS A 132 -2.97 7.18 -3.40
C HIS A 132 -3.39 5.73 -3.10
N PRO A 133 -4.58 5.54 -2.50
CA PRO A 133 -5.01 4.18 -2.13
C PRO A 133 -5.78 3.44 -3.24
N GLY A 134 -6.13 4.13 -4.32
CA GLY A 134 -6.89 3.50 -5.40
C GLY A 134 -8.39 3.74 -5.32
N VAL A 135 -8.81 4.57 -4.37
CA VAL A 135 -10.21 4.99 -4.23
C VAL A 135 -10.31 6.51 -4.21
N SER A 136 -11.49 7.04 -4.55
CA SER A 136 -11.70 8.48 -4.61
C SER A 136 -11.87 9.14 -3.23
N ASN A 137 -11.88 10.47 -3.23
CA ASN A 137 -12.18 11.26 -2.04
C ASN A 137 -13.50 10.83 -1.41
N GLN A 138 -14.54 10.72 -2.23
CA GLN A 138 -15.88 10.39 -1.76
C GLN A 138 -15.90 9.04 -1.03
N PHE A 139 -15.06 8.11 -1.47
CA PHE A 139 -14.93 6.84 -0.77
C PHE A 139 -14.37 7.04 0.64
N LEU A 140 -13.35 7.89 0.75
CA LEU A 140 -12.71 8.16 2.03
C LEU A 140 -13.65 8.91 2.96
N ILE A 141 -14.49 9.77 2.38
CA ILE A 141 -15.49 10.51 3.14
C ILE A 141 -16.59 9.58 3.65
N ASN A 142 -17.13 8.74 2.76
CA ASN A 142 -18.23 7.83 3.11
C ASN A 142 -17.83 6.82 4.19
N THR A 143 -16.60 6.33 4.11
CA THR A 143 -16.10 5.37 5.08
C THR A 143 -15.70 6.00 6.40
N ASN A 144 -15.83 7.32 6.51
CA ASN A 144 -15.42 8.07 7.71
C ASN A 144 -13.96 7.80 8.10
N SER A 145 -13.07 7.90 7.12
CA SER A 145 -11.65 7.59 7.34
C SER A 145 -10.93 8.70 8.13
N GLU A 146 -9.83 8.31 8.72
CA GLU A 146 -8.95 9.21 9.46
C GLU A 146 -8.61 10.44 8.60
N LEU A 147 -8.21 10.18 7.36
CA LEU A 147 -7.83 11.23 6.42
C LEU A 147 -8.91 12.27 6.21
N ALA A 148 -10.14 11.80 5.98
CA ALA A 148 -11.27 12.67 5.72
C ALA A 148 -11.61 13.53 6.94
N LEU A 149 -11.36 12.97 8.13
CA LEU A 149 -11.53 13.70 9.39
C LEU A 149 -10.47 14.79 9.64
N MET A 150 -9.20 14.47 9.35
CA MET A 150 -8.11 15.44 9.42
C MET A 150 -8.41 16.68 8.58
N TYR A 151 -8.84 16.45 7.34
CA TYR A 151 -8.86 17.51 6.33
C TYR A 151 -10.24 18.04 6.07
N ASN A 152 -11.19 17.64 6.92
CA ASN A 152 -12.57 18.12 6.88
C ASN A 152 -13.28 17.94 5.54
N ASP A 153 -13.10 16.76 4.96
CA ASP A 153 -13.73 16.37 3.67
C ASP A 153 -13.28 17.20 2.45
N GLU A 154 -12.32 18.11 2.62
CA GLU A 154 -11.88 18.99 1.54
C GLU A 154 -10.57 18.50 0.92
N SER A 155 -10.59 18.26 -0.39
CA SER A 155 -9.46 17.73 -1.13
C SER A 155 -8.61 16.76 -0.28
N VAL A 156 -9.27 15.76 0.30
CA VAL A 156 -8.62 14.84 1.22
C VAL A 156 -7.34 14.24 0.65
N LEU A 157 -7.47 13.55 -0.48
CA LEU A 157 -6.33 12.87 -1.10
C LEU A 157 -5.22 13.84 -1.45
N GLU A 158 -5.61 14.96 -2.04
CA GLU A 158 -4.66 15.99 -2.48
C GLU A 158 -3.89 16.55 -1.29
N ASN A 159 -4.61 16.87 -0.21
CA ASN A 159 -3.96 17.26 1.04
C ASN A 159 -3.04 16.16 1.56
N HIS A 160 -3.46 14.90 1.44
CA HIS A 160 -2.62 13.78 1.85
C HIS A 160 -1.36 13.66 1.01
N HIS A 161 -1.47 13.96 -0.29
CA HIS A 161 -0.35 13.91 -1.22
C HIS A 161 0.71 14.96 -0.87
N LEU A 162 0.25 16.15 -0.51
CA LEU A 162 1.14 17.23 -0.06
C LEU A 162 1.85 16.88 1.24
N ALA A 163 1.10 16.37 2.23
CA ALA A 163 1.67 15.97 3.51
C ALA A 163 2.76 14.92 3.32
N VAL A 164 2.44 13.87 2.55
CA VAL A 164 3.37 12.76 2.33
C VAL A 164 4.60 13.20 1.51
N GLY A 165 4.38 13.93 0.42
CA GLY A 165 5.49 14.44 -0.40
C GLY A 165 6.51 15.24 0.39
N PHE A 166 6.04 16.15 1.22
CA PHE A 166 6.94 16.96 2.05
C PHE A 166 7.56 16.23 3.24
N LYS A 167 6.80 15.35 3.90
CA LYS A 167 7.33 14.62 5.06
C LYS A 167 8.46 13.66 4.67
N LEU A 168 8.47 13.23 3.41
CA LEU A 168 9.47 12.29 2.93
C LEU A 168 10.85 12.92 2.80
N LEU A 169 10.90 14.25 2.65
CA LEU A 169 12.16 15.00 2.67
C LEU A 169 12.94 14.81 3.97
N GLN A 170 12.25 14.31 5.01
CA GLN A 170 12.83 14.20 6.34
C GLN A 170 13.36 12.81 6.63
N GLU A 171 13.15 11.88 5.70
CA GLU A 171 13.73 10.55 5.84
C GLU A 171 15.23 10.67 5.60
N ASP A 172 15.99 9.74 6.17
CA ASP A 172 17.45 9.83 6.14
C ASP A 172 17.96 10.20 4.76
N ASN A 173 18.67 11.32 4.68
CA ASN A 173 19.29 11.84 3.45
C ASN A 173 18.34 12.07 2.27
N CYS A 174 17.18 12.66 2.56
CA CYS A 174 16.16 12.91 1.55
C CYS A 174 15.87 14.40 1.33
N ASP A 175 16.52 15.30 2.06
CA ASP A 175 16.19 16.72 1.97
C ASP A 175 16.82 17.36 0.74
N ILE A 176 16.13 17.25 -0.38
CA ILE A 176 16.64 17.78 -1.64
C ILE A 176 16.67 19.32 -1.69
N PHE A 177 15.96 19.98 -0.76
CA PHE A 177 15.92 21.42 -0.72
C PHE A 177 16.77 21.98 0.42
N GLN A 178 17.72 21.17 0.90
CA GLN A 178 18.56 21.54 2.04
C GLN A 178 19.41 22.80 1.84
N ASN A 179 19.85 23.06 0.62
CA ASN A 179 20.67 24.24 0.33
C ASN A 179 19.89 25.44 -0.19
N LEU A 180 18.58 25.27 -0.38
CA LEU A 180 17.71 26.38 -0.76
C LEU A 180 17.62 27.35 0.40
N SER A 181 17.56 28.64 0.09
CA SER A 181 17.39 29.65 1.13
C SER A 181 15.99 29.54 1.72
N LYS A 182 15.85 30.05 2.94
CA LYS A 182 14.57 30.10 3.61
C LYS A 182 13.49 30.72 2.71
N ARG A 183 13.76 31.90 2.15
CA ARG A 183 12.80 32.56 1.25
C ARG A 183 12.32 31.59 0.18
N GLN A 184 13.27 30.88 -0.43
CA GLN A 184 12.99 30.01 -1.55
C GLN A 184 12.15 28.81 -1.11
N ARG A 185 12.51 28.23 0.04
CA ARG A 185 11.77 27.09 0.59
C ARG A 185 10.32 27.48 0.87
N GLN A 186 10.14 28.62 1.52
CA GLN A 186 8.82 29.16 1.76
C GLN A 186 8.03 29.32 0.48
N SER A 187 8.68 29.87 -0.53
CA SER A 187 8.05 30.18 -1.81
C SER A 187 7.72 28.91 -2.61
N LEU A 188 8.63 27.95 -2.61
CA LEU A 188 8.44 26.65 -3.25
C LEU A 188 7.21 25.94 -2.66
N ARG A 189 7.14 25.87 -1.32
CA ARG A 189 6.02 25.25 -0.61
C ARG A 189 4.68 25.79 -1.11
N LYS A 190 4.55 27.11 -1.13
CA LYS A 190 3.31 27.75 -1.57
C LYS A 190 2.91 27.27 -2.96
N MET A 191 3.81 27.46 -3.91
CA MET A 191 3.59 27.10 -5.30
C MET A 191 3.18 25.63 -5.44
N VAL A 192 3.91 24.74 -4.77
CA VAL A 192 3.60 23.30 -4.75
C VAL A 192 2.22 22.99 -4.16
N ILE A 193 1.84 23.70 -3.10
CA ILE A 193 0.51 23.56 -2.53
C ILE A 193 -0.55 23.91 -3.57
N ASP A 194 -0.41 25.09 -4.18
CA ASP A 194 -1.37 25.59 -5.14
C ASP A 194 -1.52 24.66 -6.34
N MET A 195 -0.40 24.09 -6.78
CA MET A 195 -0.40 23.20 -7.93
C MET A 195 -1.00 21.83 -7.65
N VAL A 196 -0.63 21.23 -6.52
CA VAL A 196 -1.19 19.93 -6.15
C VAL A 196 -2.69 20.05 -5.80
N LEU A 197 -3.07 21.09 -5.06
CA LEU A 197 -4.48 21.30 -4.76
C LEU A 197 -5.32 21.50 -6.02
N ALA A 198 -4.68 21.98 -7.09
CA ALA A 198 -5.36 22.21 -8.36
C ALA A 198 -5.60 20.91 -9.15
N THR A 199 -5.12 19.78 -8.64
CA THR A 199 -5.34 18.49 -9.28
C THR A 199 -6.60 17.81 -8.77
N ASP A 200 -7.27 18.42 -7.79
CA ASP A 200 -8.60 17.98 -7.38
C ASP A 200 -9.53 18.33 -8.54
N MET A 201 -10.25 17.33 -9.05
CA MET A 201 -11.15 17.53 -10.18
C MET A 201 -12.30 18.51 -9.91
N SER A 202 -12.70 18.67 -8.65
CA SER A 202 -13.76 19.62 -8.31
C SER A 202 -13.33 21.08 -8.37
N LYS A 203 -12.03 21.32 -8.55
CA LYS A 203 -11.50 22.65 -8.73
C LYS A 203 -11.43 23.02 -10.22
N HIS A 204 -11.62 22.01 -11.08
CA HIS A 204 -11.48 22.15 -12.53
C HIS A 204 -12.24 23.33 -13.14
N MET A 205 -13.50 23.50 -12.76
CA MET A 205 -14.36 24.51 -13.35
C MET A 205 -13.78 25.91 -13.18
N THR A 206 -13.48 26.26 -11.94
CA THR A 206 -12.93 27.57 -11.58
C THR A 206 -11.57 27.78 -12.23
N LEU A 207 -10.77 26.71 -12.24
CA LEU A 207 -9.45 26.73 -12.83
C LEU A 207 -9.54 27.08 -14.30
N LEU A 208 -10.43 26.40 -15.02
CA LEU A 208 -10.61 26.60 -16.44
C LEU A 208 -11.26 27.96 -16.72
N ALA A 209 -12.19 28.37 -15.86
CA ALA A 209 -12.82 29.69 -16.01
C ALA A 209 -11.78 30.80 -15.92
N ASP A 210 -10.86 30.69 -14.95
CA ASP A 210 -9.79 31.68 -14.76
C ASP A 210 -8.82 31.67 -15.94
N LEU A 211 -8.50 30.47 -16.42
CA LEU A 211 -7.59 30.29 -17.55
C LEU A 211 -8.18 30.88 -18.82
N LYS A 212 -9.48 30.67 -19.03
CA LYS A 212 -10.19 31.25 -20.16
C LYS A 212 -10.17 32.78 -20.08
N THR A 213 -10.43 33.33 -18.89
CA THR A 213 -10.44 34.77 -18.68
C THR A 213 -9.05 35.35 -18.93
N MET A 214 -8.03 34.67 -18.41
CA MET A 214 -6.63 34.99 -18.70
C MET A 214 -6.36 35.05 -20.20
N VAL A 215 -6.77 34.02 -20.93
CA VAL A 215 -6.56 33.92 -22.38
C VAL A 215 -7.18 35.10 -23.16
N GLU A 216 -8.32 35.60 -22.71
CA GLU A 216 -8.99 36.71 -23.40
C GLU A 216 -8.24 38.03 -23.26
N THR A 217 -7.57 38.22 -22.13
CA THR A 217 -6.85 39.47 -21.85
C THR A 217 -5.32 39.29 -21.92
N LYS A 218 -4.86 38.29 -22.66
CA LYS A 218 -3.44 37.98 -22.75
C LYS A 218 -2.67 39.03 -23.55
N LYS A 219 -1.42 39.26 -23.16
CA LYS A 219 -0.52 40.16 -23.91
C LYS A 219 0.78 39.46 -24.29
N VAL A 220 1.20 39.70 -25.53
CA VAL A 220 2.29 38.97 -26.18
C VAL A 220 3.45 39.92 -26.48
N THR A 221 4.67 39.39 -26.52
CA THR A 221 5.84 40.16 -26.95
C THR A 221 5.93 40.14 -28.47
N SER A 222 6.90 40.87 -29.01
CA SER A 222 7.16 40.91 -30.45
C SER A 222 7.41 39.52 -31.07
N SER A 223 7.80 38.56 -30.23
CA SER A 223 8.26 37.24 -30.68
C SER A 223 7.19 36.16 -30.76
N GLY A 224 6.09 36.34 -30.03
CA GLY A 224 5.07 35.30 -29.89
C GLY A 224 5.07 34.71 -28.49
N VAL A 225 6.09 35.08 -27.70
CA VAL A 225 6.23 34.69 -26.30
C VAL A 225 5.21 35.44 -25.45
N LEU A 226 4.56 34.71 -24.54
CA LEU A 226 3.58 35.29 -23.61
C LEU A 226 4.24 36.17 -22.57
N LEU A 227 3.56 37.26 -22.22
CA LEU A 227 4.05 38.17 -21.19
C LEU A 227 3.20 38.03 -19.93
N LEU A 228 3.76 37.35 -18.93
CA LEU A 228 3.11 37.20 -17.64
C LEU A 228 3.76 38.16 -16.64
N ASP A 229 3.18 39.35 -16.58
CA ASP A 229 3.77 40.50 -15.89
C ASP A 229 4.07 40.24 -14.41
N ASN A 230 3.20 39.47 -13.76
CA ASN A 230 3.25 39.32 -12.31
C ASN A 230 3.07 37.88 -11.80
N TYR A 231 3.38 37.66 -10.52
CA TYR A 231 3.33 36.33 -9.91
C TYR A 231 1.96 35.66 -9.98
N SER A 232 0.92 36.40 -9.63
CA SER A 232 -0.43 35.83 -9.56
C SER A 232 -0.85 35.12 -10.86
N ASP A 233 -0.54 35.77 -11.98
CA ASP A 233 -0.83 35.22 -13.30
C ASP A 233 -0.05 33.94 -13.57
N ARG A 234 1.22 33.92 -13.14
CA ARG A 234 2.11 32.79 -13.41
C ARG A 234 1.69 31.51 -12.70
N ILE A 235 1.31 31.62 -11.43
CA ILE A 235 0.87 30.45 -10.69
C ILE A 235 -0.47 29.92 -11.24
N GLN A 236 -1.30 30.83 -11.74
CA GLN A 236 -2.53 30.44 -12.43
C GLN A 236 -2.20 29.60 -13.67
N VAL A 237 -1.15 29.99 -14.39
CA VAL A 237 -0.67 29.20 -15.54
C VAL A 237 -0.04 27.88 -15.08
N LEU A 238 0.71 27.93 -13.99
CA LEU A 238 1.33 26.72 -13.42
C LEU A 238 0.28 25.72 -12.93
N ARG A 239 -0.76 26.21 -12.25
CA ARG A 239 -1.85 25.35 -11.76
C ARG A 239 -2.48 24.62 -12.93
N ASN A 240 -2.86 25.38 -13.95
CA ASN A 240 -3.46 24.82 -15.15
C ASN A 240 -2.52 23.86 -15.90
N MET A 241 -1.23 24.18 -15.92
CA MET A 241 -0.24 23.35 -16.59
C MET A 241 -0.20 21.93 -16.01
N VAL A 242 -0.06 21.84 -14.68
CA VAL A 242 0.01 20.56 -13.99
C VAL A 242 -1.33 19.82 -14.11
N HIS A 243 -2.41 20.59 -14.09
CA HIS A 243 -3.75 20.04 -14.30
C HIS A 243 -3.89 19.50 -15.72
N CYS A 244 -3.41 20.25 -16.70
CA CYS A 244 -3.39 19.78 -18.09
C CYS A 244 -2.59 18.49 -18.20
N ALA A 245 -1.36 18.50 -17.70
CA ALA A 245 -0.48 17.33 -17.72
C ALA A 245 -1.11 16.14 -17.01
N ASP A 246 -1.94 16.42 -16.02
CA ASP A 246 -2.64 15.38 -15.25
C ASP A 246 -3.74 14.74 -16.09
N LEU A 247 -4.40 15.55 -16.92
CA LEU A 247 -5.40 15.07 -17.84
C LEU A 247 -4.88 15.15 -19.28
N SER A 248 -3.66 14.64 -19.49
CA SER A 248 -3.01 14.68 -20.79
C SER A 248 -3.08 13.33 -21.49
N ASN A 249 -3.49 12.31 -20.77
CA ASN A 249 -3.62 10.96 -21.32
C ASN A 249 -4.31 10.91 -22.68
N PRO A 250 -5.51 11.53 -22.82
CA PRO A 250 -6.20 11.47 -24.12
C PRO A 250 -5.57 12.35 -25.22
N THR A 251 -4.44 12.99 -24.94
CA THR A 251 -3.78 13.84 -25.92
C THR A 251 -2.55 13.16 -26.50
N LYS A 252 -2.30 11.94 -26.03
CA LYS A 252 -1.11 11.17 -26.41
C LYS A 252 -1.43 10.18 -27.53
N PRO A 253 -0.40 9.70 -28.26
CA PRO A 253 -0.57 8.59 -29.20
C PRO A 253 -1.57 7.52 -28.72
N LEU A 254 -2.54 7.22 -29.57
CA LEU A 254 -3.63 6.27 -29.30
C LEU A 254 -3.20 5.00 -28.57
N GLU A 255 -2.00 4.50 -28.90
CA GLU A 255 -1.46 3.29 -28.30
C GLU A 255 -1.29 3.47 -26.78
N LEU A 256 -0.82 4.64 -26.37
CA LEU A 256 -0.61 4.97 -24.97
C LEU A 256 -1.93 5.24 -24.23
N TYR A 257 -2.76 6.10 -24.81
CA TYR A 257 -4.05 6.50 -24.24
C TYR A 257 -4.93 5.31 -23.89
N ARG A 258 -4.98 4.33 -24.78
CA ARG A 258 -5.77 3.12 -24.56
C ARG A 258 -5.25 2.32 -23.37
N GLN A 259 -3.93 2.29 -23.20
CA GLN A 259 -3.30 1.61 -22.05
C GLN A 259 -3.59 2.34 -20.75
N TRP A 260 -3.59 3.68 -20.80
CA TRP A 260 -4.01 4.51 -19.67
C TRP A 260 -5.47 4.26 -19.33
N THR A 261 -6.31 4.19 -20.37
CA THR A 261 -7.74 4.00 -20.17
C THR A 261 -8.02 2.66 -19.51
N ASP A 262 -7.23 1.65 -19.88
CA ASP A 262 -7.39 0.32 -19.30
C ASP A 262 -7.02 0.31 -17.84
N ARG A 263 -5.92 0.98 -17.52
CA ARG A 263 -5.47 1.15 -16.14
C ARG A 263 -6.50 1.87 -15.26
N ILE A 264 -7.05 2.99 -15.74
CA ILE A 264 -8.02 3.76 -14.95
C ILE A 264 -9.33 3.02 -14.69
N MET A 265 -9.81 2.23 -15.66
CA MET A 265 -11.05 1.48 -15.50
C MET A 265 -10.90 0.32 -14.52
N ALA A 266 -9.75 -0.34 -14.56
CA ALA A 266 -9.44 -1.40 -13.62
C ALA A 266 -9.48 -0.82 -12.21
N GLU A 267 -8.78 0.29 -12.00
CA GLU A 267 -8.83 1.00 -10.73
C GLU A 267 -10.27 1.35 -10.36
N PHE A 268 -10.97 1.97 -11.30
CA PHE A 268 -12.35 2.39 -11.12
C PHE A 268 -13.25 1.23 -10.70
N PHE A 269 -13.16 0.11 -11.44
CA PHE A 269 -13.99 -1.05 -11.17
C PHE A 269 -13.66 -1.67 -9.82
N GLN A 270 -12.38 -1.71 -9.49
CA GLN A 270 -11.92 -2.24 -8.21
C GLN A 270 -12.52 -1.46 -7.03
N GLN A 271 -12.66 -0.14 -7.18
CA GLN A 271 -13.36 0.66 -6.18
C GLN A 271 -14.82 0.21 -6.09
N GLY A 272 -15.47 0.14 -7.24
CA GLY A 272 -16.85 -0.29 -7.37
C GLY A 272 -17.11 -1.62 -6.70
N ASP A 273 -16.22 -2.59 -6.93
CA ASP A 273 -16.33 -3.90 -6.27
C ASP A 273 -16.38 -3.72 -4.76
N ARG A 274 -15.42 -2.96 -4.25
CA ARG A 274 -15.31 -2.67 -2.84
C ARG A 274 -16.54 -1.90 -2.32
N GLU A 275 -17.02 -0.96 -3.12
CA GLU A 275 -18.25 -0.23 -2.79
C GLU A 275 -19.46 -1.14 -2.69
N ARG A 276 -19.49 -2.16 -3.55
CA ARG A 276 -20.59 -3.13 -3.60
C ARG A 276 -20.55 -4.08 -2.39
N GLU A 277 -19.38 -4.63 -2.09
CA GLU A 277 -19.19 -5.49 -0.92
C GLU A 277 -19.74 -4.84 0.34
N ARG A 278 -19.49 -3.53 0.47
CA ARG A 278 -19.88 -2.74 1.62
C ARG A 278 -21.28 -2.18 1.48
N GLY A 279 -21.92 -2.45 0.34
CA GLY A 279 -23.30 -2.05 0.10
C GLY A 279 -23.48 -0.55 -0.12
N MET A 280 -22.40 0.13 -0.50
CA MET A 280 -22.45 1.56 -0.75
C MET A 280 -22.98 1.85 -2.14
N GLU A 281 -23.64 2.99 -2.29
CA GLU A 281 -24.00 3.50 -3.61
C GLU A 281 -22.70 3.56 -4.42
N ILE A 282 -22.71 2.94 -5.59
CA ILE A 282 -21.53 2.85 -6.44
C ILE A 282 -21.23 4.18 -7.13
N SER A 283 -19.96 4.56 -7.14
CA SER A 283 -19.51 5.82 -7.74
C SER A 283 -19.65 5.83 -9.27
N PRO A 284 -19.73 7.03 -9.89
CA PRO A 284 -19.85 7.10 -11.34
C PRO A 284 -18.69 6.40 -12.02
N MET A 285 -19.01 5.58 -13.02
CA MET A 285 -18.03 4.86 -13.85
C MET A 285 -17.37 3.67 -13.14
N CYS A 286 -17.89 3.29 -11.98
CA CYS A 286 -17.28 2.21 -11.20
C CYS A 286 -18.04 0.89 -11.27
N ASP A 287 -19.26 0.93 -11.79
CA ASP A 287 -20.09 -0.26 -11.96
C ASP A 287 -19.66 -1.01 -13.21
N LYS A 288 -18.92 -2.11 -13.02
CA LYS A 288 -18.44 -2.89 -14.16
C LYS A 288 -19.58 -3.50 -14.97
N HIS A 289 -20.73 -3.67 -14.32
CA HIS A 289 -21.92 -4.26 -14.93
C HIS A 289 -22.75 -3.28 -15.77
N THR A 290 -22.46 -1.98 -15.68
CA THR A 290 -23.21 -0.97 -16.45
C THR A 290 -22.35 0.14 -17.07
N ALA A 291 -21.02 -0.03 -17.06
CA ALA A 291 -20.14 1.04 -17.52
C ALA A 291 -19.70 0.86 -18.97
N SER A 292 -19.87 1.92 -19.76
CA SER A 292 -19.34 1.96 -21.11
C SER A 292 -18.03 2.76 -21.14
N VAL A 293 -16.93 2.02 -21.14
CA VAL A 293 -15.57 2.57 -21.23
C VAL A 293 -15.47 3.59 -22.36
N GLU A 294 -16.06 3.26 -23.50
CA GLU A 294 -15.97 4.11 -24.70
C GLU A 294 -16.83 5.36 -24.62
N LYS A 295 -18.06 5.25 -24.11
CA LYS A 295 -18.92 6.42 -23.87
C LYS A 295 -18.30 7.39 -22.89
N SER A 296 -17.76 6.83 -21.79
CA SER A 296 -17.18 7.61 -20.71
C SER A 296 -16.06 8.52 -21.17
N GLN A 297 -15.17 7.99 -22.01
CA GLN A 297 -14.04 8.76 -22.53
C GLN A 297 -14.48 9.88 -23.47
N VAL A 298 -15.57 9.67 -24.20
CA VAL A 298 -16.09 10.69 -25.12
C VAL A 298 -16.74 11.82 -24.33
N GLY A 299 -17.56 11.45 -23.33
CA GLY A 299 -18.10 12.43 -22.39
C GLY A 299 -17.00 13.21 -21.71
N PHE A 300 -16.03 12.49 -21.16
CA PHE A 300 -14.87 13.07 -20.49
C PHE A 300 -14.15 14.07 -21.36
N ILE A 301 -13.81 13.66 -22.58
CA ILE A 301 -13.13 14.54 -23.54
C ILE A 301 -14.01 15.73 -23.96
N ASP A 302 -15.31 15.47 -24.17
CA ASP A 302 -16.23 16.53 -24.61
C ASP A 302 -16.46 17.61 -23.56
N TYR A 303 -16.71 17.17 -22.32
CA TYR A 303 -17.05 18.06 -21.21
C TYR A 303 -15.83 18.63 -20.47
N ILE A 304 -14.75 17.87 -20.41
CA ILE A 304 -13.60 18.23 -19.56
C ILE A 304 -12.31 18.45 -20.34
N VAL A 305 -11.87 17.45 -21.11
CA VAL A 305 -10.51 17.47 -21.66
C VAL A 305 -10.36 18.38 -22.88
N HIS A 306 -11.33 18.35 -23.80
CA HIS A 306 -11.28 19.26 -24.94
C HIS A 306 -11.38 20.73 -24.53
N PRO A 307 -12.37 21.09 -23.68
CA PRO A 307 -12.44 22.49 -23.25
C PRO A 307 -11.17 22.97 -22.57
N LEU A 308 -10.54 22.09 -21.78
CA LEU A 308 -9.31 22.40 -21.06
C LEU A 308 -8.16 22.66 -22.03
N TRP A 309 -7.86 21.66 -22.85
CA TRP A 309 -6.74 21.73 -23.78
C TRP A 309 -6.91 22.74 -24.92
N GLU A 310 -8.15 22.96 -25.35
CA GLU A 310 -8.46 24.02 -26.30
C GLU A 310 -7.99 25.35 -25.75
N THR A 311 -8.41 25.65 -24.51
CA THR A 311 -8.05 26.90 -23.84
C THR A 311 -6.54 27.05 -23.63
N TRP A 312 -5.89 25.93 -23.29
CA TRP A 312 -4.45 25.94 -23.14
C TRP A 312 -3.79 26.28 -24.47
N ALA A 313 -4.27 25.63 -25.53
CA ALA A 313 -3.77 25.86 -26.89
C ALA A 313 -3.94 27.32 -27.34
N ASP A 314 -5.08 27.92 -26.99
CA ASP A 314 -5.28 29.34 -27.26
C ASP A 314 -4.20 30.19 -26.58
N LEU A 315 -3.86 29.80 -25.35
CA LEU A 315 -2.86 30.50 -24.56
C LEU A 315 -1.45 30.41 -25.16
N VAL A 316 -1.06 29.22 -25.60
CA VAL A 316 0.30 28.97 -26.09
C VAL A 316 0.41 28.92 -27.61
N HIS A 317 -0.66 29.32 -28.30
CA HIS A 317 -0.75 29.26 -29.76
C HIS A 317 0.51 29.74 -30.49
N PRO A 318 0.99 28.95 -31.47
CA PRO A 318 0.40 27.70 -31.97
C PRO A 318 1.11 26.42 -31.50
N ASP A 319 1.75 26.48 -30.33
CA ASP A 319 2.61 25.39 -29.84
C ASP A 319 1.90 24.06 -29.62
N ALA A 320 0.61 24.14 -29.27
CA ALA A 320 -0.15 22.95 -28.87
C ALA A 320 -1.03 22.38 -29.98
N GLN A 321 -0.88 22.94 -31.18
CA GLN A 321 -1.73 22.59 -32.32
C GLN A 321 -1.78 21.08 -32.60
N GLU A 322 -0.61 20.42 -32.64
CA GLU A 322 -0.56 18.96 -32.86
C GLU A 322 -1.22 18.18 -31.72
N ILE A 323 -0.93 18.56 -30.49
CA ILE A 323 -1.55 17.95 -29.30
C ILE A 323 -3.07 17.96 -29.42
N LEU A 324 -3.62 19.12 -29.78
CA LEU A 324 -5.06 19.29 -29.90
C LEU A 324 -5.66 18.36 -30.97
N ASP A 325 -4.98 18.24 -32.11
CA ASP A 325 -5.39 17.33 -33.19
C ASP A 325 -5.47 15.90 -32.70
N THR A 326 -4.40 15.45 -32.03
CA THR A 326 -4.30 14.10 -31.47
C THR A 326 -5.46 13.81 -30.53
N LEU A 327 -5.87 14.81 -29.75
CA LEU A 327 -7.01 14.67 -28.86
C LEU A 327 -8.28 14.43 -29.66
N GLU A 328 -8.43 15.18 -30.74
CA GLU A 328 -9.61 15.10 -31.59
C GLU A 328 -9.69 13.80 -32.39
N ASP A 329 -8.53 13.31 -32.82
CA ASP A 329 -8.42 11.98 -33.45
C ASP A 329 -8.77 10.86 -32.48
N ASN A 330 -8.26 10.99 -31.25
CA ASN A 330 -8.55 10.03 -30.18
C ASN A 330 -10.00 10.07 -29.73
N ARG A 331 -10.56 11.29 -29.71
CA ARG A 331 -11.99 11.46 -29.44
C ARG A 331 -12.79 10.69 -30.48
N ASP A 332 -12.52 10.95 -31.75
CA ASP A 332 -13.19 10.28 -32.88
C ASP A 332 -13.05 8.76 -32.81
N TRP A 333 -11.84 8.29 -32.53
CA TRP A 333 -11.57 6.85 -32.43
C TRP A 333 -12.46 6.18 -31.39
N TYR A 334 -12.57 6.77 -30.20
CA TYR A 334 -13.40 6.22 -29.14
C TYR A 334 -14.90 6.36 -29.44
N TYR A 335 -15.25 7.40 -30.20
CA TYR A 335 -16.63 7.63 -30.59
C TYR A 335 -17.13 6.48 -31.47
N SER A 336 -16.25 6.04 -32.37
CA SER A 336 -16.59 4.98 -33.32
C SER A 336 -16.40 3.57 -32.74
N ALA A 337 -15.76 3.46 -31.57
CA ALA A 337 -15.57 2.18 -30.89
C ALA A 337 -16.72 1.79 -29.95
N ILE A 338 -17.78 2.60 -29.94
CA ILE A 338 -18.99 2.31 -29.14
C ILE A 338 -19.85 1.23 -29.80
N MET B 5 -27.69 -5.32 5.53
CA MET B 5 -27.39 -5.81 4.14
C MET B 5 -27.64 -7.33 4.00
N ASN B 6 -27.33 -7.86 2.81
CA ASN B 6 -27.44 -9.29 2.56
C ASN B 6 -26.07 -9.99 2.60
N ILE B 7 -25.90 -10.86 3.59
CA ILE B 7 -24.61 -11.51 3.86
C ILE B 7 -24.49 -12.83 3.09
N PRO B 8 -23.45 -12.94 2.24
CA PRO B 8 -23.17 -14.19 1.51
C PRO B 8 -22.95 -15.37 2.46
N ARG B 9 -23.25 -16.57 1.99
CA ARG B 9 -23.22 -17.76 2.84
C ARG B 9 -21.94 -17.84 3.65
N PHE B 10 -20.81 -17.84 2.95
CA PHE B 10 -19.50 -17.96 3.60
C PHE B 10 -18.80 -16.62 3.82
N GLY B 11 -19.60 -15.56 3.94
CA GLY B 11 -19.10 -14.23 4.23
C GLY B 11 -18.72 -13.42 3.01
N VAL B 12 -18.32 -14.09 1.95
CA VAL B 12 -17.85 -13.41 0.74
C VAL B 12 -18.58 -13.85 -0.54
N LYS B 13 -18.74 -12.92 -1.47
CA LYS B 13 -19.34 -13.21 -2.77
C LYS B 13 -18.38 -14.07 -3.56
N THR B 14 -18.80 -15.30 -3.87
CA THR B 14 -17.92 -16.27 -4.52
C THR B 14 -18.49 -16.82 -5.83
N ASP B 15 -17.59 -16.99 -6.80
CA ASP B 15 -17.93 -17.54 -8.11
C ASP B 15 -17.76 -19.07 -8.16
N GLN B 16 -17.28 -19.65 -7.06
CA GLN B 16 -17.02 -21.09 -6.96
C GLN B 16 -17.37 -21.59 -5.56
N GLU B 17 -18.67 -21.56 -5.25
CA GLU B 17 -19.14 -21.81 -3.87
C GLU B 17 -18.99 -23.24 -3.33
N GLU B 18 -19.02 -24.24 -4.22
CA GLU B 18 -18.96 -25.64 -3.79
C GLU B 18 -17.58 -26.04 -3.27
N LEU B 19 -16.54 -25.63 -4.00
CA LEU B 19 -15.16 -25.92 -3.62
C LEU B 19 -14.76 -25.23 -2.31
N LEU B 20 -15.36 -24.07 -2.06
CA LEU B 20 -15.17 -23.34 -0.81
C LEU B 20 -15.74 -24.09 0.38
N ALA B 21 -16.98 -24.56 0.24
CA ALA B 21 -17.64 -25.39 1.26
C ALA B 21 -16.82 -26.64 1.59
N GLN B 22 -16.22 -27.23 0.55
CA GLN B 22 -15.45 -28.45 0.65
C GLN B 22 -14.16 -28.21 1.45
N GLU B 23 -13.52 -27.07 1.19
CA GLU B 23 -12.33 -26.68 1.94
C GLU B 23 -12.67 -26.26 3.37
N LEU B 24 -13.76 -25.52 3.53
CA LEU B 24 -14.17 -25.01 4.85
C LEU B 24 -14.64 -26.12 5.78
N GLU B 25 -14.67 -27.33 5.26
CA GLU B 25 -14.88 -28.54 6.06
C GLU B 25 -13.70 -28.69 7.02
N ASN B 26 -12.54 -28.18 6.60
CA ASN B 26 -11.30 -28.26 7.38
C ASN B 26 -11.09 -27.10 8.36
N LEU B 27 -12.11 -26.25 8.51
CA LEU B 27 -12.07 -25.04 9.33
C LEU B 27 -11.41 -25.19 10.71
N ASN B 28 -11.62 -26.34 11.35
CA ASN B 28 -11.13 -26.58 12.70
C ASN B 28 -9.87 -27.45 12.75
N LYS B 29 -9.24 -27.64 11.59
CA LYS B 29 -8.10 -28.53 11.50
C LYS B 29 -6.84 -27.85 10.98
N TRP B 30 -5.70 -28.29 11.50
CA TRP B 30 -4.39 -27.82 11.09
C TRP B 30 -4.19 -27.97 9.58
N GLY B 31 -4.75 -29.04 9.03
CA GLY B 31 -4.60 -29.37 7.61
C GLY B 31 -5.28 -28.39 6.67
N LEU B 32 -6.09 -27.49 7.22
CA LEU B 32 -6.78 -26.46 6.44
C LEU B 32 -5.86 -25.83 5.39
N ASN B 33 -6.40 -25.56 4.21
CA ASN B 33 -5.60 -24.99 3.14
C ASN B 33 -6.08 -23.58 2.77
N ILE B 34 -5.43 -22.59 3.36
CA ILE B 34 -5.83 -21.19 3.24
C ILE B 34 -5.63 -20.64 1.82
N PHE B 35 -4.73 -21.26 1.06
CA PHE B 35 -4.45 -20.86 -0.32
C PHE B 35 -5.60 -21.17 -1.27
N CYS B 36 -6.20 -22.34 -1.10
CA CYS B 36 -7.41 -22.70 -1.83
C CYS B 36 -8.57 -21.80 -1.43
N VAL B 37 -8.74 -21.59 -0.12
CA VAL B 37 -9.75 -20.67 0.40
C VAL B 37 -9.64 -19.32 -0.30
N SER B 38 -8.43 -18.76 -0.31
CA SER B 38 -8.17 -17.48 -0.96
C SER B 38 -8.55 -17.50 -2.44
N ASP B 39 -8.19 -18.58 -3.14
CA ASP B 39 -8.57 -18.77 -4.54
C ASP B 39 -10.08 -18.68 -4.69
N TYR B 40 -10.80 -19.51 -3.92
CA TYR B 40 -12.25 -19.61 -4.06
C TYR B 40 -13.00 -18.44 -3.45
N ALA B 41 -12.31 -17.63 -2.65
CA ALA B 41 -12.88 -16.42 -2.05
C ALA B 41 -12.53 -15.14 -2.83
N GLY B 42 -11.76 -15.28 -3.90
CA GLY B 42 -11.36 -14.15 -4.72
C GLY B 42 -10.58 -13.10 -3.95
N GLY B 43 -9.52 -13.55 -3.27
CA GLY B 43 -8.64 -12.64 -2.52
C GLY B 43 -9.02 -12.43 -1.08
N ARG B 44 -10.33 -12.49 -0.78
CA ARG B 44 -10.87 -12.16 0.54
C ARG B 44 -10.73 -13.26 1.58
N SER B 45 -9.52 -13.81 1.74
CA SER B 45 -9.31 -14.94 2.65
C SER B 45 -9.47 -14.60 4.12
N LEU B 46 -9.11 -13.38 4.51
CA LEU B 46 -9.23 -12.96 5.91
C LEU B 46 -10.68 -12.77 6.32
N THR B 47 -11.42 -12.00 5.51
CA THR B 47 -12.83 -11.76 5.79
C THR B 47 -13.61 -13.07 5.85
N CYS B 48 -13.35 -13.97 4.90
CA CYS B 48 -14.06 -15.22 4.81
C CYS B 48 -13.81 -16.05 6.04
N ILE B 49 -12.54 -16.30 6.33
CA ILE B 49 -12.18 -17.21 7.41
C ILE B 49 -12.52 -16.65 8.79
N MET B 50 -12.51 -15.34 8.93
CA MET B 50 -12.82 -14.75 10.22
C MET B 50 -14.31 -14.90 10.48
N TYR B 51 -15.11 -14.59 9.45
CA TYR B 51 -16.55 -14.77 9.49
C TYR B 51 -16.92 -16.20 9.90
N MET B 52 -16.29 -17.16 9.26
CA MET B 52 -16.54 -18.57 9.54
C MET B 52 -16.18 -18.93 10.98
N ILE B 53 -14.97 -18.59 11.39
CA ILE B 53 -14.50 -18.80 12.76
C ILE B 53 -15.45 -18.16 13.77
N PHE B 54 -15.97 -16.99 13.45
CA PHE B 54 -16.88 -16.29 14.33
C PHE B 54 -18.27 -16.92 14.41
N GLN B 55 -18.71 -17.54 13.31
CA GLN B 55 -19.95 -18.32 13.33
C GLN B 55 -19.74 -19.62 14.10
N GLU B 56 -18.63 -20.29 13.82
CA GLU B 56 -18.26 -21.54 14.47
C GLU B 56 -18.22 -21.43 16.00
N ARG B 57 -17.70 -20.33 16.51
CA ARG B 57 -17.62 -20.12 17.96
C ARG B 57 -18.78 -19.28 18.49
N ASP B 58 -19.68 -18.90 17.59
CA ASP B 58 -20.92 -18.19 17.91
C ASP B 58 -20.68 -16.85 18.63
N LEU B 59 -19.61 -16.16 18.22
CA LEU B 59 -19.16 -14.94 18.90
C LEU B 59 -19.99 -13.71 18.52
N LEU B 60 -20.68 -13.78 17.39
CA LEU B 60 -21.59 -12.71 16.99
C LEU B 60 -22.78 -12.60 17.94
N LYS B 61 -23.42 -13.74 18.24
CA LYS B 61 -24.51 -13.78 19.24
C LYS B 61 -23.99 -13.50 20.65
N LYS B 62 -22.89 -14.15 21.01
CA LYS B 62 -22.29 -14.07 22.35
C LYS B 62 -21.96 -12.66 22.83
N PHE B 63 -21.53 -11.80 21.91
CA PHE B 63 -21.16 -10.43 22.25
C PHE B 63 -22.03 -9.40 21.56
N ARG B 64 -23.12 -9.89 20.95
CA ARG B 64 -24.11 -9.06 20.28
C ARG B 64 -23.44 -8.14 19.25
N ILE B 65 -22.69 -8.77 18.34
CA ILE B 65 -22.04 -8.05 17.24
C ILE B 65 -22.93 -8.13 16.00
N PRO B 66 -23.45 -6.98 15.54
CA PRO B 66 -24.20 -6.98 14.30
C PRO B 66 -23.36 -7.57 13.19
N VAL B 67 -23.96 -8.46 12.41
CA VAL B 67 -23.25 -9.18 11.37
C VAL B 67 -22.71 -8.22 10.30
N ASP B 68 -23.54 -7.25 9.90
CA ASP B 68 -23.14 -6.28 8.86
C ASP B 68 -22.00 -5.38 9.35
N THR B 69 -21.90 -5.18 10.65
CA THR B 69 -20.75 -4.48 11.22
C THR B 69 -19.52 -5.37 11.11
N MET B 70 -19.63 -6.61 11.56
CA MET B 70 -18.53 -7.57 11.47
C MET B 70 -17.94 -7.60 10.06
N VAL B 71 -18.79 -7.73 9.04
CA VAL B 71 -18.34 -7.80 7.65
C VAL B 71 -17.67 -6.49 7.23
N THR B 72 -18.28 -5.37 7.61
CA THR B 72 -17.73 -4.06 7.29
C THR B 72 -16.33 -3.90 7.88
N TYR B 73 -16.17 -4.22 9.16
CA TYR B 73 -14.86 -4.12 9.80
C TYR B 73 -13.84 -5.04 9.14
N MET B 74 -14.25 -6.27 8.84
CA MET B 74 -13.36 -7.26 8.27
C MET B 74 -12.92 -6.91 6.85
N LEU B 75 -13.85 -6.40 6.05
CA LEU B 75 -13.52 -5.95 4.69
C LEU B 75 -12.50 -4.83 4.79
N THR B 76 -12.72 -3.94 5.75
CA THR B 76 -11.86 -2.81 6.01
C THR B 76 -10.50 -3.26 6.52
N LEU B 77 -10.50 -4.23 7.44
CA LEU B 77 -9.25 -4.78 7.93
C LEU B 77 -8.43 -5.38 6.79
N GLU B 78 -9.08 -6.20 5.97
CA GLU B 78 -8.42 -6.86 4.85
C GLU B 78 -7.84 -5.84 3.86
N ASP B 79 -8.61 -4.80 3.58
CA ASP B 79 -8.20 -3.74 2.66
C ASP B 79 -6.94 -3.01 3.13
N HIS B 80 -6.66 -3.05 4.42
CA HIS B 80 -5.51 -2.37 4.99
C HIS B 80 -4.25 -3.22 5.08
N TYR B 81 -4.38 -4.48 4.66
CA TYR B 81 -3.24 -5.30 4.34
C TYR B 81 -2.80 -4.98 2.92
N HIS B 82 -1.49 -4.86 2.71
CA HIS B 82 -0.96 -4.48 1.42
C HIS B 82 -0.99 -5.68 0.47
N ALA B 83 -1.81 -5.58 -0.58
CA ALA B 83 -1.86 -6.62 -1.62
C ALA B 83 -0.49 -6.88 -2.28
N ASP B 84 0.28 -5.82 -2.50
CA ASP B 84 1.58 -5.87 -3.19
C ASP B 84 2.73 -6.50 -2.38
N VAL B 85 2.46 -6.87 -1.13
CA VAL B 85 3.48 -7.46 -0.27
C VAL B 85 3.40 -8.98 -0.39
N ALA B 86 4.53 -9.63 -0.62
CA ALA B 86 4.55 -11.06 -0.89
C ALA B 86 4.03 -11.93 0.25
N TYR B 87 4.39 -11.58 1.49
CA TYR B 87 4.08 -12.45 2.64
C TYR B 87 3.16 -11.80 3.65
N HIS B 88 3.53 -10.61 4.12
CA HIS B 88 2.73 -9.91 5.14
C HIS B 88 1.48 -9.24 4.57
N ASN B 89 0.71 -10.04 3.81
CA ASN B 89 -0.61 -9.65 3.36
C ASN B 89 -1.71 -10.39 4.15
N SER B 90 -2.97 -10.17 3.78
CA SER B 90 -4.11 -10.69 4.56
C SER B 90 -4.20 -12.23 4.62
N LEU B 91 -3.52 -12.88 3.68
CA LEU B 91 -3.45 -14.33 3.67
C LEU B 91 -2.62 -14.83 4.86
N HIS B 92 -1.52 -14.13 5.16
CA HIS B 92 -0.77 -14.38 6.39
C HIS B 92 -1.67 -14.16 7.60
N ALA B 93 -2.46 -13.09 7.59
CA ALA B 93 -3.39 -12.80 8.67
C ALA B 93 -4.39 -13.95 8.83
N ALA B 94 -5.07 -14.29 7.74
CA ALA B 94 -6.03 -15.40 7.72
C ALA B 94 -5.42 -16.69 8.27
N ASP B 95 -4.19 -16.99 7.87
CA ASP B 95 -3.51 -18.22 8.30
C ASP B 95 -3.24 -18.24 9.79
N VAL B 96 -2.60 -17.18 10.27
CA VAL B 96 -2.25 -17.04 11.69
C VAL B 96 -3.49 -17.07 12.57
N LEU B 97 -4.56 -16.41 12.10
CA LEU B 97 -5.85 -16.43 12.80
C LEU B 97 -6.43 -17.83 12.89
N GLN B 98 -6.45 -18.55 11.76
CA GLN B 98 -7.03 -19.90 11.70
C GLN B 98 -6.23 -20.90 12.52
N SER B 99 -4.91 -20.76 12.53
CA SER B 99 -4.05 -21.59 13.37
C SER B 99 -4.32 -21.31 14.85
N THR B 100 -4.48 -20.03 15.20
CA THR B 100 -4.83 -19.61 16.57
C THR B 100 -6.12 -20.30 17.02
N HIS B 101 -7.14 -20.19 16.16
CA HIS B 101 -8.43 -20.84 16.31
C HIS B 101 -8.29 -22.31 16.70
N VAL B 102 -7.55 -23.07 15.88
CA VAL B 102 -7.28 -24.48 16.12
C VAL B 102 -6.57 -24.69 17.46
N LEU B 103 -5.56 -23.86 17.73
CA LEU B 103 -4.76 -24.02 18.94
C LEU B 103 -5.58 -23.77 20.20
N LEU B 104 -6.50 -22.83 20.13
CA LEU B 104 -7.48 -22.60 21.19
C LEU B 104 -8.39 -23.81 21.40
N ALA B 105 -8.61 -24.56 20.32
CA ALA B 105 -9.51 -25.72 20.34
C ALA B 105 -8.85 -26.98 20.89
N THR B 106 -7.53 -26.94 21.09
CA THR B 106 -6.76 -28.10 21.55
C THR B 106 -7.26 -28.62 22.91
N PRO B 107 -7.41 -29.96 23.05
CA PRO B 107 -7.97 -30.64 24.23
C PRO B 107 -7.38 -30.22 25.58
N ALA B 108 -6.07 -30.04 25.65
CA ALA B 108 -5.39 -29.70 26.92
C ALA B 108 -5.78 -28.32 27.48
N LEU B 109 -6.35 -27.46 26.64
CA LEU B 109 -6.70 -26.12 27.06
C LEU B 109 -8.22 -25.90 27.13
N ASP B 110 -8.96 -27.01 27.11
CA ASP B 110 -10.42 -26.98 27.18
C ASP B 110 -10.93 -26.22 28.39
N ALA B 111 -11.80 -25.24 28.11
CA ALA B 111 -12.45 -24.39 29.13
C ALA B 111 -11.49 -23.68 30.08
N VAL B 112 -10.28 -23.40 29.61
CA VAL B 112 -9.31 -22.63 30.40
C VAL B 112 -9.52 -21.13 30.17
N PHE B 113 -9.94 -20.77 28.96
CA PHE B 113 -10.12 -19.38 28.59
C PHE B 113 -11.58 -19.00 28.46
N THR B 114 -11.90 -17.77 28.85
CA THR B 114 -13.25 -17.24 28.73
C THR B 114 -13.56 -16.93 27.27
N ASP B 115 -14.82 -16.60 26.98
CA ASP B 115 -15.19 -16.16 25.64
C ASP B 115 -14.42 -14.90 25.26
N LEU B 116 -14.37 -13.94 26.19
CA LEU B 116 -13.68 -12.68 25.98
C LEU B 116 -12.20 -12.90 25.66
N GLU B 117 -11.57 -13.81 26.37
CA GLU B 117 -10.17 -14.14 26.11
C GLU B 117 -10.00 -14.77 24.73
N ILE B 118 -10.95 -15.62 24.34
CA ILE B 118 -10.97 -16.20 23.00
C ILE B 118 -11.10 -15.10 21.96
N LEU B 119 -12.00 -14.15 22.23
CA LEU B 119 -12.27 -13.02 21.34
C LEU B 119 -11.04 -12.13 21.17
N ALA B 120 -10.28 -11.95 22.25
CA ALA B 120 -9.06 -11.16 22.19
C ALA B 120 -8.01 -11.87 21.32
N ALA B 121 -7.73 -13.13 21.61
CA ALA B 121 -6.77 -13.94 20.87
C ALA B 121 -7.04 -13.92 19.36
N LEU B 122 -8.30 -14.07 18.97
CA LEU B 122 -8.65 -14.14 17.56
C LEU B 122 -8.49 -12.78 16.89
N PHE B 123 -9.03 -11.74 17.54
CA PHE B 123 -8.89 -10.37 17.06
C PHE B 123 -7.41 -9.98 16.96
N ALA B 124 -6.64 -10.34 17.98
CA ALA B 124 -5.21 -10.05 17.99
C ALA B 124 -4.55 -10.63 16.76
N ALA B 125 -4.89 -11.88 16.45
CA ALA B 125 -4.29 -12.60 15.33
C ALA B 125 -4.68 -11.99 13.99
N ALA B 126 -5.94 -11.58 13.87
CA ALA B 126 -6.43 -10.99 12.62
C ALA B 126 -5.73 -9.66 12.30
N ILE B 127 -5.36 -8.90 13.33
CA ILE B 127 -4.84 -7.55 13.12
C ILE B 127 -3.31 -7.46 13.25
N HIS B 128 -2.66 -8.57 13.60
CA HIS B 128 -1.27 -8.54 14.07
C HIS B 128 -0.22 -8.03 13.07
N ASP B 129 -0.59 -7.92 11.79
CA ASP B 129 0.33 -7.40 10.77
C ASP B 129 -0.34 -6.40 9.83
N VAL B 130 -1.45 -5.80 10.27
CA VAL B 130 -2.16 -4.85 9.41
C VAL B 130 -1.31 -3.61 9.09
N ASP B 131 -1.30 -3.24 7.81
CA ASP B 131 -0.53 -2.11 7.28
C ASP B 131 1.00 -2.34 7.31
N HIS B 132 1.41 -3.60 7.33
CA HIS B 132 2.80 -3.97 7.16
C HIS B 132 3.25 -3.58 5.76
N PRO B 133 4.34 -2.77 5.66
CA PRO B 133 4.82 -2.28 4.36
C PRO B 133 5.79 -3.23 3.65
N GLY B 134 6.07 -4.39 4.25
CA GLY B 134 6.95 -5.36 3.61
C GLY B 134 8.44 -5.14 3.86
N VAL B 135 8.74 -4.30 4.84
CA VAL B 135 10.13 -4.09 5.30
C VAL B 135 10.23 -4.29 6.81
N SER B 136 11.38 -4.75 7.27
CA SER B 136 11.61 -5.02 8.69
C SER B 136 11.65 -3.73 9.53
N ASN B 137 11.48 -3.88 10.84
CA ASN B 137 11.61 -2.77 11.77
C ASN B 137 12.89 -1.96 11.59
N GLN B 138 14.01 -2.65 11.39
CA GLN B 138 15.30 -1.96 11.23
C GLN B 138 15.33 -1.07 9.98
N PHE B 139 14.67 -1.51 8.91
CA PHE B 139 14.58 -0.69 7.71
C PHE B 139 14.00 0.68 8.06
N LEU B 140 12.85 0.67 8.75
CA LEU B 140 12.12 1.89 9.09
C LEU B 140 12.88 2.79 10.06
N ILE B 141 13.69 2.17 10.92
CA ILE B 141 14.62 2.88 11.78
C ILE B 141 15.70 3.59 10.95
N ASN B 142 16.45 2.80 10.17
CA ASN B 142 17.59 3.33 9.40
C ASN B 142 17.24 4.45 8.43
N THR B 143 16.05 4.38 7.85
CA THR B 143 15.54 5.42 6.94
C THR B 143 15.00 6.67 7.67
N ASN B 144 15.05 6.68 9.00
CA ASN B 144 14.52 7.78 9.81
C ASN B 144 13.05 8.08 9.45
N SER B 145 12.20 7.05 9.50
CA SER B 145 10.81 7.21 9.07
C SER B 145 9.91 7.68 10.21
N GLU B 146 8.77 8.24 9.86
CA GLU B 146 7.81 8.79 10.81
C GLU B 146 7.33 7.75 11.85
N LEU B 147 7.14 6.51 11.42
CA LEU B 147 6.69 5.47 12.34
C LEU B 147 7.74 5.14 13.37
N ALA B 148 9.00 5.09 12.93
CA ALA B 148 10.11 4.82 13.83
C ALA B 148 10.21 5.90 14.92
N LEU B 149 10.08 7.17 14.50
CA LEU B 149 10.16 8.29 15.44
C LEU B 149 8.99 8.26 16.41
N MET B 150 7.82 7.93 15.89
CA MET B 150 6.59 7.84 16.68
C MET B 150 6.69 6.79 17.78
N TYR B 151 7.39 5.69 17.52
CA TYR B 151 7.46 4.59 18.47
C TYR B 151 8.84 4.38 19.05
N ASN B 152 9.59 5.49 19.13
CA ASN B 152 10.94 5.50 19.71
C ASN B 152 11.83 4.33 19.32
N ASP B 153 11.65 3.85 18.09
CA ASP B 153 12.40 2.70 17.56
C ASP B 153 12.13 1.36 18.23
N GLU B 154 11.20 1.33 19.17
CA GLU B 154 10.85 0.06 19.81
C GLU B 154 9.54 -0.49 19.26
N SER B 155 9.61 -1.73 18.76
CA SER B 155 8.48 -2.44 18.19
C SER B 155 7.65 -1.54 17.28
N VAL B 156 8.33 -0.93 16.31
CA VAL B 156 7.73 0.04 15.43
C VAL B 156 6.50 -0.55 14.75
N LEU B 157 6.70 -1.64 14.02
CA LEU B 157 5.63 -2.26 13.24
C LEU B 157 4.49 -2.77 14.12
N GLU B 158 4.83 -3.55 15.14
CA GLU B 158 3.85 -4.10 16.07
C GLU B 158 2.99 -3.01 16.74
N ASN B 159 3.61 -1.91 17.13
CA ASN B 159 2.86 -0.74 17.60
C ASN B 159 1.92 -0.18 16.53
N HIS B 160 2.42 -0.10 15.30
CA HIS B 160 1.60 0.40 14.21
C HIS B 160 0.41 -0.54 13.93
N HIS B 161 0.66 -1.85 13.94
CA HIS B 161 -0.40 -2.85 13.70
C HIS B 161 -1.52 -2.69 14.73
N LEU B 162 -1.13 -2.50 15.99
CA LEU B 162 -2.11 -2.24 17.06
C LEU B 162 -2.93 -0.96 16.82
N ALA B 163 -2.24 0.15 16.57
CA ALA B 163 -2.90 1.44 16.41
C ALA B 163 -3.95 1.41 15.30
N VAL B 164 -3.59 0.83 14.16
CA VAL B 164 -4.47 0.80 12.99
C VAL B 164 -5.64 -0.15 13.25
N GLY B 165 -5.32 -1.38 13.66
CA GLY B 165 -6.32 -2.37 14.03
C GLY B 165 -7.45 -1.76 14.84
N PHE B 166 -7.08 -1.02 15.88
CA PHE B 166 -8.05 -0.32 16.74
C PHE B 166 -8.66 0.92 16.09
N LYS B 167 -7.86 1.65 15.32
CA LYS B 167 -8.31 2.88 14.65
C LYS B 167 -9.45 2.57 13.65
N LEU B 168 -9.33 1.44 12.95
CA LEU B 168 -10.33 1.05 11.96
C LEU B 168 -11.72 0.80 12.57
N LEU B 169 -11.79 0.53 13.88
CA LEU B 169 -13.07 0.38 14.57
C LEU B 169 -13.90 1.67 14.52
N GLN B 170 -13.26 2.77 14.13
CA GLN B 170 -13.92 4.08 14.09
C GLN B 170 -14.38 4.50 12.71
N GLU B 171 -14.02 3.72 11.69
CA GLU B 171 -14.58 3.90 10.34
C GLU B 171 -16.05 3.47 10.35
N ASP B 172 -16.87 4.11 9.52
CA ASP B 172 -18.31 3.91 9.53
C ASP B 172 -18.77 2.46 9.62
N ASN B 173 -19.61 2.19 10.61
CA ASN B 173 -20.16 0.88 10.91
C ASN B 173 -19.12 -0.26 11.10
N CYS B 174 -18.04 0.01 11.82
CA CYS B 174 -17.00 -1.01 12.03
C CYS B 174 -16.78 -1.37 13.50
N ASP B 175 -17.47 -0.67 14.41
CA ASP B 175 -17.24 -0.90 15.83
C ASP B 175 -17.83 -2.24 16.28
N ILE B 176 -17.09 -3.29 16.01
CA ILE B 176 -17.53 -4.64 16.35
C ILE B 176 -17.64 -4.85 17.86
N PHE B 177 -17.10 -3.94 18.66
CA PHE B 177 -17.14 -4.09 20.12
C PHE B 177 -18.15 -3.16 20.78
N GLN B 178 -19.01 -2.55 19.97
CA GLN B 178 -19.96 -1.55 20.44
C GLN B 178 -20.88 -2.02 21.59
N ASN B 179 -21.20 -3.31 21.61
CA ASN B 179 -22.12 -3.84 22.62
C ASN B 179 -21.42 -4.51 23.81
N LEU B 180 -20.08 -4.51 23.80
CA LEU B 180 -19.31 -4.91 24.97
C LEU B 180 -19.35 -3.80 26.03
N SER B 181 -19.28 -4.20 27.29
CA SER B 181 -19.19 -3.21 28.38
C SER B 181 -17.81 -2.58 28.42
N LYS B 182 -17.72 -1.38 28.98
CA LYS B 182 -16.44 -0.72 29.25
C LYS B 182 -15.40 -1.71 29.78
N ARG B 183 -15.72 -2.41 30.88
CA ARG B 183 -14.80 -3.39 31.48
C ARG B 183 -14.32 -4.45 30.49
N GLN B 184 -15.24 -4.96 29.68
CA GLN B 184 -14.93 -5.97 28.66
C GLN B 184 -14.03 -5.39 27.57
N ARG B 185 -14.35 -4.16 27.13
CA ARG B 185 -13.56 -3.45 26.14
C ARG B 185 -12.16 -3.12 26.62
N GLN B 186 -12.02 -2.76 27.90
CA GLN B 186 -10.72 -2.41 28.47
C GLN B 186 -9.84 -3.64 28.66
N SER B 187 -10.48 -4.74 29.03
CA SER B 187 -9.79 -6.01 29.29
C SER B 187 -9.35 -6.62 27.97
N LEU B 188 -10.26 -6.60 26.99
CA LEU B 188 -9.99 -7.07 25.64
C LEU B 188 -8.80 -6.32 25.05
N ARG B 189 -8.80 -4.99 25.25
CA ARG B 189 -7.75 -4.14 24.71
C ARG B 189 -6.38 -4.46 25.33
N LYS B 190 -6.34 -4.52 26.65
CA LYS B 190 -5.13 -4.85 27.40
C LYS B 190 -4.52 -6.16 26.90
N MET B 191 -5.38 -7.15 26.70
CA MET B 191 -4.98 -8.45 26.20
C MET B 191 -4.44 -8.40 24.77
N VAL B 192 -5.16 -7.71 23.87
CA VAL B 192 -4.78 -7.63 22.46
C VAL B 192 -3.44 -6.94 22.27
N ILE B 193 -3.22 -5.85 23.00
CA ILE B 193 -1.95 -5.12 22.99
C ILE B 193 -0.80 -6.05 23.42
N ASP B 194 -1.04 -6.75 24.52
CA ASP B 194 -0.10 -7.74 25.06
C ASP B 194 0.27 -8.77 23.98
N MET B 195 -0.73 -9.30 23.29
CA MET B 195 -0.48 -10.36 22.31
C MET B 195 0.26 -9.89 21.07
N VAL B 196 -0.19 -8.79 20.48
CA VAL B 196 0.41 -8.27 19.25
C VAL B 196 1.83 -7.76 19.48
N LEU B 197 2.09 -7.14 20.62
CA LEU B 197 3.44 -6.71 20.96
C LEU B 197 4.39 -7.89 21.12
N ALA B 198 3.83 -9.06 21.42
CA ALA B 198 4.63 -10.26 21.61
C ALA B 198 5.00 -10.96 20.29
N THR B 199 4.55 -10.40 19.17
CA THR B 199 4.90 -10.94 17.85
C THR B 199 6.14 -10.24 17.30
N ASP B 200 6.72 -9.33 18.08
CA ASP B 200 8.01 -8.75 17.75
C ASP B 200 9.04 -9.82 18.03
N MET B 201 9.75 -10.26 17.00
CA MET B 201 10.76 -11.31 17.12
C MET B 201 11.84 -11.00 18.16
N SER B 202 12.09 -9.70 18.39
CA SER B 202 13.04 -9.29 19.44
C SER B 202 12.60 -9.73 20.84
N LYS B 203 11.33 -10.12 20.99
CA LYS B 203 10.82 -10.63 22.27
C LYS B 203 10.82 -12.15 22.34
N HIS B 204 11.25 -12.81 21.26
CA HIS B 204 11.17 -14.26 21.14
C HIS B 204 11.82 -14.99 22.31
N MET B 205 13.10 -14.70 22.53
CA MET B 205 13.85 -15.38 23.58
C MET B 205 13.19 -15.24 24.96
N THR B 206 12.69 -14.03 25.26
CA THR B 206 11.96 -13.79 26.50
C THR B 206 10.73 -14.70 26.58
N LEU B 207 9.92 -14.68 25.52
CA LEU B 207 8.71 -15.49 25.46
C LEU B 207 8.95 -17.01 25.61
N LEU B 208 10.08 -17.48 25.07
CA LEU B 208 10.40 -18.90 25.15
C LEU B 208 10.89 -19.29 26.54
N ALA B 209 11.67 -18.41 27.17
CA ALA B 209 12.13 -18.63 28.54
C ALA B 209 10.95 -18.70 29.51
N ASP B 210 9.97 -17.81 29.32
CA ASP B 210 8.76 -17.78 30.13
C ASP B 210 7.86 -18.99 29.88
N LEU B 211 7.79 -19.44 28.64
CA LEU B 211 7.04 -20.64 28.30
C LEU B 211 7.69 -21.90 28.89
N LYS B 212 9.01 -21.90 29.01
CA LYS B 212 9.73 -23.00 29.64
C LYS B 212 9.47 -23.11 31.15
N THR B 213 9.43 -21.97 31.83
CA THR B 213 9.15 -21.95 33.28
C THR B 213 7.73 -22.47 33.57
N MET B 214 6.81 -22.20 32.65
CA MET B 214 5.44 -22.67 32.76
C MET B 214 5.34 -24.19 32.60
N VAL B 215 6.19 -24.76 31.75
CA VAL B 215 6.23 -26.21 31.51
C VAL B 215 6.84 -26.96 32.70
N GLU B 216 7.75 -26.30 33.41
CA GLU B 216 8.33 -26.83 34.64
C GLU B 216 7.28 -27.00 35.74
N THR B 217 6.44 -25.97 35.89
CA THR B 217 5.45 -25.92 36.97
C THR B 217 4.03 -26.19 36.48
N LYS B 218 3.90 -26.84 35.33
CA LYS B 218 2.57 -27.12 34.78
C LYS B 218 1.76 -28.04 35.68
N LYS B 219 0.54 -27.59 36.00
CA LYS B 219 -0.39 -28.36 36.81
C LYS B 219 -1.51 -28.90 35.93
N VAL B 220 -1.68 -30.22 35.94
CA VAL B 220 -2.76 -30.87 35.18
C VAL B 220 -3.83 -31.44 36.09
N THR B 221 -5.09 -31.18 35.74
CA THR B 221 -6.23 -31.79 36.42
C THR B 221 -6.27 -33.30 36.15
N SER B 222 -7.03 -34.02 36.97
CA SER B 222 -7.19 -35.47 36.85
C SER B 222 -7.56 -35.94 35.44
N SER B 223 -8.41 -35.16 34.75
CA SER B 223 -8.82 -35.45 33.37
C SER B 223 -7.69 -35.28 32.35
N GLY B 224 -6.62 -34.59 32.73
CA GLY B 224 -5.48 -34.34 31.85
C GLY B 224 -5.37 -32.90 31.38
N VAL B 225 -6.46 -32.15 31.55
CA VAL B 225 -6.55 -30.74 31.15
C VAL B 225 -5.65 -29.87 32.03
N LEU B 226 -5.13 -28.79 31.44
CA LEU B 226 -4.26 -27.84 32.13
C LEU B 226 -5.07 -26.92 33.04
N LEU B 227 -4.42 -26.44 34.10
CA LEU B 227 -5.02 -25.43 34.97
C LEU B 227 -4.06 -24.26 35.20
N LEU B 228 -4.53 -23.08 34.81
CA LEU B 228 -3.78 -21.85 35.03
C LEU B 228 -4.52 -21.05 36.07
N ASP B 229 -3.84 -20.75 37.18
CA ASP B 229 -4.50 -20.08 38.31
C ASP B 229 -4.89 -18.65 38.00
N ASN B 230 -3.91 -17.74 38.12
CA ASN B 230 -4.13 -16.32 37.84
C ASN B 230 -4.19 -15.98 36.34
N TYR B 231 -4.53 -14.72 36.05
CA TYR B 231 -4.58 -14.17 34.69
C TYR B 231 -3.18 -14.15 34.05
N SER B 232 -2.20 -13.72 34.84
CA SER B 232 -0.79 -13.72 34.46
C SER B 232 -0.40 -14.94 33.63
N ASP B 233 -0.81 -16.12 34.07
CA ASP B 233 -0.48 -17.36 33.37
C ASP B 233 -1.30 -17.53 32.09
N ARG B 234 -2.56 -17.14 32.12
CA ARG B 234 -3.42 -17.23 30.95
C ARG B 234 -2.93 -16.32 29.82
N ILE B 235 -2.54 -15.09 30.16
CA ILE B 235 -2.02 -14.19 29.14
C ILE B 235 -0.65 -14.64 28.64
N GLN B 236 0.10 -15.34 29.50
CA GLN B 236 1.39 -15.91 29.11
C GLN B 236 1.18 -16.97 28.03
N VAL B 237 0.13 -17.76 28.19
CA VAL B 237 -0.17 -18.82 27.23
C VAL B 237 -0.77 -18.26 25.93
N LEU B 238 -1.61 -17.23 26.05
CA LEU B 238 -2.21 -16.60 24.88
C LEU B 238 -1.20 -15.87 24.01
N ARG B 239 -0.26 -15.17 24.64
CA ARG B 239 0.75 -14.44 23.89
C ARG B 239 1.71 -15.42 23.20
N ASN B 240 2.07 -16.49 23.90
CA ASN B 240 2.86 -17.56 23.31
C ASN B 240 2.13 -18.29 22.19
N MET B 241 0.81 -18.38 22.31
CA MET B 241 -0.02 -19.07 21.32
C MET B 241 -0.05 -18.33 19.99
N VAL B 242 -0.37 -17.05 20.03
CA VAL B 242 -0.35 -16.20 18.83
C VAL B 242 1.04 -16.26 18.19
N HIS B 243 2.08 -16.18 19.02
CA HIS B 243 3.48 -16.27 18.56
C HIS B 243 3.75 -17.61 17.86
N CYS B 244 3.28 -18.70 18.45
CA CYS B 244 3.37 -20.01 17.83
C CYS B 244 2.63 -20.03 16.50
N ALA B 245 1.40 -19.50 16.50
CA ALA B 245 0.62 -19.36 15.28
C ALA B 245 1.34 -18.50 14.24
N ASP B 246 2.08 -17.50 14.73
CA ASP B 246 2.86 -16.63 13.85
C ASP B 246 4.02 -17.39 13.22
N LEU B 247 4.55 -18.37 13.93
CA LEU B 247 5.67 -19.16 13.46
C LEU B 247 5.24 -20.59 13.14
N SER B 248 3.99 -20.73 12.70
CA SER B 248 3.38 -22.04 12.48
C SER B 248 3.75 -22.62 11.12
N ASN B 249 4.22 -21.75 10.23
CA ASN B 249 4.43 -22.12 8.82
C ASN B 249 5.19 -23.44 8.60
N PRO B 250 6.34 -23.64 9.30
CA PRO B 250 7.09 -24.87 9.11
C PRO B 250 6.47 -26.13 9.72
N THR B 251 5.34 -25.97 10.42
CA THR B 251 4.66 -27.12 11.02
C THR B 251 3.53 -27.64 10.14
N LYS B 252 3.26 -26.93 9.04
CA LYS B 252 2.16 -27.25 8.13
C LYS B 252 2.59 -28.28 7.08
N PRO B 253 1.62 -29.00 6.49
CA PRO B 253 1.95 -29.81 5.32
C PRO B 253 2.95 -29.11 4.42
N LEU B 254 4.03 -29.81 4.10
CA LEU B 254 5.11 -29.30 3.26
C LEU B 254 4.63 -28.47 2.06
N GLU B 255 3.52 -28.87 1.47
CA GLU B 255 2.96 -28.20 0.29
C GLU B 255 2.63 -26.73 0.60
N LEU B 256 2.21 -26.48 1.84
CA LEU B 256 1.89 -25.13 2.29
C LEU B 256 3.17 -24.41 2.73
N TYR B 257 3.97 -25.12 3.53
CA TYR B 257 5.23 -24.58 4.06
C TYR B 257 6.12 -23.98 2.96
N ARG B 258 6.21 -24.67 1.82
CA ARG B 258 7.02 -24.21 0.71
C ARG B 258 6.46 -22.96 0.02
N GLN B 259 5.13 -22.83 0.02
CA GLN B 259 4.48 -21.64 -0.52
C GLN B 259 4.75 -20.43 0.35
N TRP B 260 4.68 -20.62 1.68
CA TRP B 260 5.03 -19.58 2.63
C TRP B 260 6.50 -19.19 2.50
N THR B 261 7.35 -20.21 2.31
CA THR B 261 8.78 -19.99 2.17
C THR B 261 9.11 -19.17 0.92
N ASP B 262 8.43 -19.44 -0.19
CA ASP B 262 8.66 -18.70 -1.42
C ASP B 262 8.26 -17.24 -1.26
N ARG B 263 7.18 -17.02 -0.51
CA ARG B 263 6.68 -15.68 -0.24
C ARG B 263 7.61 -14.87 0.67
N ILE B 264 8.12 -15.50 1.73
CA ILE B 264 8.95 -14.78 2.69
C ILE B 264 10.25 -14.33 2.04
N MET B 265 10.83 -15.20 1.22
CA MET B 265 12.07 -14.88 0.52
C MET B 265 11.82 -13.79 -0.51
N ALA B 266 10.68 -13.86 -1.20
CA ALA B 266 10.30 -12.81 -2.14
C ALA B 266 10.25 -11.45 -1.44
N GLU B 267 9.66 -11.43 -0.24
CA GLU B 267 9.58 -10.22 0.54
C GLU B 267 10.96 -9.80 1.06
N PHE B 268 11.71 -10.76 1.62
CA PHE B 268 13.07 -10.47 2.09
C PHE B 268 13.94 -9.90 0.98
N PHE B 269 13.98 -10.57 -0.17
CA PHE B 269 14.84 -10.17 -1.29
C PHE B 269 14.52 -8.77 -1.80
N GLN B 270 13.23 -8.43 -1.75
CA GLN B 270 12.75 -7.15 -2.21
C GLN B 270 13.16 -6.03 -1.25
N GLN B 271 13.19 -6.33 0.05
CA GLN B 271 13.74 -5.40 1.03
C GLN B 271 15.22 -5.19 0.74
N GLY B 272 15.93 -6.30 0.52
CA GLY B 272 17.35 -6.29 0.18
C GLY B 272 17.65 -5.42 -1.03
N ASP B 273 16.83 -5.54 -2.07
CA ASP B 273 17.02 -4.77 -3.30
C ASP B 273 16.88 -3.28 -3.02
N ARG B 274 15.93 -2.93 -2.17
CA ARG B 274 15.69 -1.53 -1.85
C ARG B 274 16.81 -1.00 -0.97
N GLU B 275 17.29 -1.84 -0.06
CA GLU B 275 18.46 -1.50 0.76
C GLU B 275 19.70 -1.27 -0.11
N ARG B 276 19.86 -2.11 -1.14
CA ARG B 276 21.01 -2.04 -2.03
C ARG B 276 20.97 -0.77 -2.85
N GLU B 277 19.81 -0.45 -3.41
CA GLU B 277 19.59 0.82 -4.11
C GLU B 277 20.01 2.02 -3.26
N ARG B 278 19.64 2.00 -1.99
CA ARG B 278 19.83 3.14 -1.08
C ARG B 278 21.18 3.11 -0.38
N GLY B 279 22.07 2.23 -0.82
CA GLY B 279 23.40 2.09 -0.22
C GLY B 279 23.32 1.91 1.28
N MET B 280 22.40 1.03 1.70
CA MET B 280 22.23 0.67 3.11
C MET B 280 22.86 -0.69 3.38
N GLU B 281 23.25 -0.90 4.63
CA GLU B 281 23.55 -2.23 5.16
C GLU B 281 22.40 -3.19 4.79
N ILE B 282 22.72 -4.24 4.03
CA ILE B 282 21.70 -5.22 3.64
C ILE B 282 21.36 -6.14 4.81
N SER B 283 20.08 -6.22 5.14
CA SER B 283 19.58 -7.01 6.27
C SER B 283 19.81 -8.52 6.11
N PRO B 284 19.85 -9.26 7.24
CA PRO B 284 20.10 -10.71 7.22
C PRO B 284 19.08 -11.49 6.36
N MET B 285 19.60 -12.28 5.41
CA MET B 285 18.80 -13.13 4.51
C MET B 285 18.13 -12.37 3.34
N CYS B 286 18.42 -11.08 3.21
CA CYS B 286 17.76 -10.25 2.20
C CYS B 286 18.55 -10.09 0.89
N ASP B 287 19.80 -10.53 0.90
CA ASP B 287 20.65 -10.46 -0.28
C ASP B 287 20.44 -11.72 -1.12
N LYS B 288 19.76 -11.55 -2.26
CA LYS B 288 19.44 -12.67 -3.14
C LYS B 288 20.68 -13.40 -3.67
N HIS B 289 21.80 -12.70 -3.74
CA HIS B 289 23.05 -13.25 -4.26
C HIS B 289 23.72 -14.28 -3.33
N THR B 290 23.65 -14.07 -2.01
CA THR B 290 24.36 -14.94 -1.06
C THR B 290 23.49 -15.81 -0.16
N ALA B 291 22.16 -15.73 -0.30
CA ALA B 291 21.28 -16.42 0.62
C ALA B 291 20.79 -17.75 0.05
N SER B 292 20.98 -18.82 0.82
CA SER B 292 20.45 -20.13 0.48
C SER B 292 19.13 -20.36 1.21
N VAL B 293 18.03 -20.38 0.45
CA VAL B 293 16.68 -20.56 0.99
C VAL B 293 16.54 -21.81 1.85
N GLU B 294 17.10 -22.92 1.37
CA GLU B 294 17.04 -24.21 2.08
C GLU B 294 17.78 -24.14 3.41
N LYS B 295 19.04 -23.71 3.35
CA LYS B 295 19.89 -23.59 4.53
C LYS B 295 19.32 -22.63 5.58
N SER B 296 18.72 -21.54 5.12
CA SER B 296 18.07 -20.57 5.99
C SER B 296 16.96 -21.21 6.81
N GLN B 297 16.15 -22.04 6.15
CA GLN B 297 14.99 -22.65 6.78
C GLN B 297 15.35 -23.74 7.78
N VAL B 298 16.48 -24.41 7.55
CA VAL B 298 16.93 -25.44 8.48
C VAL B 298 17.40 -24.78 9.76
N GLY B 299 18.25 -23.76 9.63
CA GLY B 299 18.70 -22.96 10.76
C GLY B 299 17.54 -22.31 11.46
N PHE B 300 16.58 -21.82 10.69
CA PHE B 300 15.37 -21.21 11.22
C PHE B 300 14.60 -22.17 12.13
N ILE B 301 14.37 -23.38 11.65
CA ILE B 301 13.69 -24.40 12.43
C ILE B 301 14.51 -24.78 13.65
N ASP B 302 15.80 -25.09 13.44
CA ASP B 302 16.67 -25.62 14.48
C ASP B 302 16.79 -24.70 15.69
N TYR B 303 16.74 -23.39 15.45
CA TYR B 303 17.09 -22.43 16.49
C TYR B 303 15.95 -21.49 16.91
N ILE B 304 14.91 -21.41 16.09
CA ILE B 304 13.74 -20.60 16.45
C ILE B 304 12.49 -21.46 16.62
N VAL B 305 12.02 -22.06 15.52
CA VAL B 305 10.70 -22.68 15.48
C VAL B 305 10.59 -23.96 16.32
N HIS B 306 11.50 -24.90 16.11
CA HIS B 306 11.49 -26.13 16.91
C HIS B 306 11.64 -25.89 18.41
N PRO B 307 12.65 -25.11 18.84
CA PRO B 307 12.76 -24.91 20.29
C PRO B 307 11.46 -24.36 20.87
N LEU B 308 10.77 -23.51 20.11
CA LEU B 308 9.48 -22.96 20.53
C LEU B 308 8.35 -24.00 20.52
N TRP B 309 8.16 -24.66 19.38
CA TRP B 309 7.08 -25.65 19.22
C TRP B 309 7.24 -26.91 20.07
N GLU B 310 8.47 -27.20 20.49
CA GLU B 310 8.76 -28.32 21.39
C GLU B 310 8.28 -28.00 22.81
N THR B 311 8.52 -26.76 23.24
CA THR B 311 8.06 -26.30 24.56
C THR B 311 6.52 -26.21 24.59
N TRP B 312 5.92 -25.81 23.48
CA TRP B 312 4.47 -25.80 23.36
C TRP B 312 3.92 -27.23 23.43
N ALA B 313 4.54 -28.14 22.69
CA ALA B 313 4.17 -29.55 22.69
C ALA B 313 4.19 -30.13 24.10
N ASP B 314 5.25 -29.80 24.85
CA ASP B 314 5.37 -30.22 26.25
C ASP B 314 4.24 -29.69 27.12
N LEU B 315 3.85 -28.44 26.89
CA LEU B 315 2.79 -27.80 27.65
C LEU B 315 1.43 -28.45 27.44
N VAL B 316 1.18 -28.94 26.24
CA VAL B 316 -0.13 -29.48 25.89
C VAL B 316 -0.08 -30.98 25.56
N HIS B 317 0.85 -31.69 26.18
CA HIS B 317 1.11 -33.10 25.88
C HIS B 317 -0.15 -33.95 26.05
N PRO B 318 -0.45 -34.82 25.06
CA PRO B 318 0.26 -35.08 23.82
C PRO B 318 -0.43 -34.49 22.58
N ASP B 319 -1.12 -33.36 22.76
CA ASP B 319 -2.00 -32.80 21.72
C ASP B 319 -1.30 -32.29 20.47
N ALA B 320 -0.03 -31.93 20.60
CA ALA B 320 0.71 -31.30 19.51
C ALA B 320 1.62 -32.26 18.74
N GLN B 321 1.68 -33.52 19.17
CA GLN B 321 2.60 -34.51 18.60
C GLN B 321 2.58 -34.57 17.07
N GLU B 322 1.39 -34.52 16.48
CA GLU B 322 1.25 -34.51 15.02
C GLU B 322 1.92 -33.28 14.40
N ILE B 323 1.66 -32.11 14.98
CA ILE B 323 2.27 -30.85 14.55
C ILE B 323 3.80 -30.87 14.69
N LEU B 324 4.29 -31.37 15.83
CA LEU B 324 5.73 -31.46 16.09
C LEU B 324 6.44 -32.46 15.19
N ASP B 325 5.74 -33.52 14.80
CA ASP B 325 6.29 -34.54 13.92
C ASP B 325 6.41 -34.03 12.48
N THR B 326 5.43 -33.24 12.04
CA THR B 326 5.45 -32.64 10.71
C THR B 326 6.61 -31.64 10.60
N LEU B 327 6.81 -30.86 11.65
CA LEU B 327 7.90 -29.89 11.72
C LEU B 327 9.24 -30.58 11.49
N GLU B 328 9.49 -31.64 12.26
CA GLU B 328 10.72 -32.41 12.15
C GLU B 328 10.87 -33.04 10.76
N ASP B 329 9.76 -33.47 10.17
CA ASP B 329 9.74 -33.99 8.81
C ASP B 329 10.14 -32.91 7.81
N ASN B 330 9.63 -31.70 8.02
CA ASN B 330 9.95 -30.57 7.16
C ASN B 330 11.40 -30.10 7.30
N ARG B 331 11.92 -30.17 8.53
CA ARG B 331 13.32 -29.87 8.77
C ARG B 331 14.17 -30.89 8.03
N ASP B 332 13.77 -32.14 8.14
CA ASP B 332 14.45 -33.26 7.49
C ASP B 332 14.44 -33.14 5.97
N TRP B 333 13.34 -32.62 5.43
CA TRP B 333 13.20 -32.42 3.99
C TRP B 333 14.13 -31.32 3.46
N TYR B 334 14.23 -30.22 4.19
CA TYR B 334 15.08 -29.10 3.78
C TYR B 334 16.57 -29.41 3.94
N TYR B 335 16.90 -30.23 4.93
CA TYR B 335 18.27 -30.65 5.19
C TYR B 335 18.84 -31.53 4.06
N SER B 336 17.98 -32.25 3.37
CA SER B 336 18.37 -33.05 2.21
C SER B 336 18.35 -32.22 0.94
N ALA B 337 17.51 -31.18 0.92
CA ALA B 337 17.35 -30.34 -0.26
C ALA B 337 18.50 -29.34 -0.41
N ILE B 338 19.37 -29.29 0.59
CA ILE B 338 20.54 -28.43 0.58
C ILE B 338 21.45 -28.78 -0.60
ZN ZN C . -2.93 12.45 -11.14
MG MG D . -4.29 13.89 -7.72
CAA PNX E . -7.35 7.95 -19.22
CAM PNX E . -7.36 9.06 -18.19
OAD PNX E . -7.10 10.20 -18.55
CAJ PNX E . -7.70 8.75 -16.75
CAH PNX E . -7.51 9.94 -15.80
CAI PNX E . -8.80 10.75 -15.66
CAK PNX E . -9.84 9.96 -14.85
N1 PNX E . -11.20 10.22 -15.33
C6 PNX E . -11.91 11.19 -14.71
O6 PNX E . -11.44 11.83 -13.80
C5 PNX E . -13.22 11.41 -15.19
N7 PNX E . -14.19 12.29 -14.82
CAB PNX E . -14.18 13.30 -13.76
C8 PNX E . -15.26 12.07 -15.62
N9 PNX E . -14.98 11.09 -16.50
C4 PNX E . -13.73 10.65 -16.25
N3 PNX E . -12.98 9.69 -16.85
CAC PNX E . -13.52 8.90 -17.96
C2 PNX E . -11.72 9.49 -16.37
O2 PNX E . -11.04 8.62 -16.90
ZN ZN F . 3.00 -12.16 11.44
MG MG G . 4.52 -9.57 12.64
CAA PNX H . 8.82 -19.21 6.34
CAM PNX H . 8.40 -18.40 7.55
OAD PNX H . 8.12 -18.98 8.59
CAJ PNX H . 8.30 -16.90 7.46
CAH PNX H . 8.10 -16.21 8.81
CAI PNX H . 9.40 -16.12 9.61
CAK PNX H . 10.44 -15.26 8.89
N1 PNX H . 11.80 -15.77 9.11
C6 PNX H . 12.49 -15.24 10.17
O6 PNX H . 12.01 -14.39 10.89
C5 PNX H . 13.79 -15.74 10.37
N7 PNX H . 14.75 -15.45 11.31
CAB PNX H . 14.71 -14.50 12.42
C8 PNX H . 15.82 -16.23 11.03
N9 PNX H . 15.55 -17.00 9.95
C4 PNX H . 14.31 -16.71 9.52
N3 PNX H . 13.58 -17.21 8.47
CAC PNX H . 14.12 -18.23 7.59
C2 PNX H . 12.32 -16.72 8.29
O2 PNX H . 11.67 -17.17 7.36
S SO4 I . -7.14 -13.66 38.14
O1 SO4 I . -7.63 -12.69 37.17
O2 SO4 I . -7.92 -13.51 39.38
O3 SO4 I . -7.32 -15.00 37.62
O4 SO4 I . -5.73 -13.41 38.43
S SO4 J . 20.86 -6.90 -8.65
O1 SO4 J . 21.55 -6.08 -9.65
O2 SO4 J . 19.45 -6.52 -8.60
O3 SO4 J . 20.95 -8.31 -9.02
O4 SO4 J . 21.49 -6.69 -7.35
#